data_6AU5
#
_entry.id   6AU5
#
_cell.length_a   64.580
_cell.length_b   83.060
_cell.length_c   211.830
_cell.angle_alpha   90.00
_cell.angle_beta   90.00
_cell.angle_gamma   90.00
#
_symmetry.space_group_name_H-M   'P 21 21 21'
#
loop_
_entity.id
_entity.type
_entity.pdbx_description
1 polymer 'cetuximab Fab light chain'
2 polymer 'cetuximab Fab heavy chain'
3 polymer meditope
4 non-polymer 'SULFATE ION'
5 water water
#
loop_
_entity_poly.entity_id
_entity_poly.type
_entity_poly.pdbx_seq_one_letter_code
_entity_poly.pdbx_strand_id
1 'polypeptide(L)'
;DILLTQSPVILSVSPGERVSFSCRASQSIGTNIHWYQQRTNGSPRLLIKYASESISGIPSRFSGSGSGTDFTLSINSVES
EDIADYYCQQNNNWPTTFGAGTKLELKRTVAAPSVFIFPPSDEQLKSGTASVVCLLNNFYPREAKVQWKVDNALQSGNSQ
ESVTEQDSKDSTYSLSSTLTLSKADYEKHKVYACEVTHQGLSSPVTKSFNRGA
;
A,C
2 'polypeptide(L)'
;QVQLKQSGPGLVQPSQSLSITCTVSGFSLTNYGVHWVRQSPGKGLEWLGVIWSGGNTDYNTPFTSRLSINKDNSKSQVFF
KMNSLQSNDTAIYYCARALTYYDYEFAYWGQGTLVTVSAASTKGPSVFPLAPSSKSTSGGTAALGCLVKDYFPEPVTVSW
NSGALTSGVHTFPAVLQSSGLYSLSSVVTVPSSSLGTQTYICNVNHKPSNTKVDKRVEPKS
;
B,D
3 'polypeptide(L)' (ACA)QFDLST(BWV)RLK E,F
#
loop_
_chem_comp.id
_chem_comp.type
_chem_comp.name
_chem_comp.formula
SO4 non-polymer 'SULFATE ION' 'O4 S -2'
#
# COMPACT_ATOMS: atom_id res chain seq x y z
N ASP A 1 24.52 -7.58 -19.92
CA ASP A 1 23.22 -7.02 -20.27
C ASP A 1 22.87 -5.84 -19.37
N ILE A 2 22.12 -4.89 -19.92
CA ILE A 2 21.66 -3.73 -19.14
C ILE A 2 20.65 -4.16 -18.07
N LEU A 3 20.86 -3.74 -16.84
CA LEU A 3 19.91 -4.03 -15.78
C LEU A 3 18.96 -2.85 -15.57
N LEU A 4 17.67 -3.09 -15.75
CA LEU A 4 16.66 -2.08 -15.51
C LEU A 4 15.99 -2.33 -14.17
N THR A 5 15.98 -1.30 -13.32
CA THR A 5 15.35 -1.42 -12.01
C THR A 5 14.14 -0.50 -11.92
N GLN A 6 12.96 -1.11 -11.79
CA GLN A 6 11.72 -0.36 -11.63
C GLN A 6 11.37 -0.25 -10.15
N SER A 7 10.95 0.94 -9.74
CA SER A 7 10.69 1.22 -8.34
C SER A 7 9.55 2.21 -8.18
N PRO A 8 8.60 1.90 -7.27
CA PRO A 8 8.55 0.67 -6.48
C PRO A 8 7.94 -0.47 -7.27
N VAL A 9 7.75 -1.61 -6.63
CA VAL A 9 7.10 -2.75 -7.27
C VAL A 9 5.59 -2.54 -7.26
N ILE A 10 5.11 -1.83 -6.24
CA ILE A 10 3.68 -1.60 -6.05
C ILE A 10 3.33 -0.13 -5.87
N LEU A 11 2.36 0.34 -6.64
CA LEU A 11 1.81 1.69 -6.46
C LEU A 11 0.32 1.60 -6.19
N SER A 12 -0.13 2.30 -5.16
CA SER A 12 -1.55 2.35 -4.81
C SER A 12 -2.02 3.80 -4.73
N VAL A 13 -2.98 4.15 -5.56
CA VAL A 13 -3.45 5.53 -5.65
C VAL A 13 -4.97 5.62 -5.78
N SER A 14 -5.50 6.83 -5.60
CA SER A 14 -6.92 7.09 -5.81
C SER A 14 -7.15 7.58 -7.24
N PRO A 15 -8.34 7.32 -7.78
CA PRO A 15 -8.66 7.76 -9.15
C PRO A 15 -8.62 9.28 -9.31
N GLY A 16 -8.22 9.73 -10.49
CA GLY A 16 -8.09 11.14 -10.79
C GLY A 16 -6.75 11.71 -10.39
N GLU A 17 -6.05 11.00 -9.52
CA GLU A 17 -4.72 11.41 -9.10
C GLU A 17 -3.71 11.19 -10.21
N ARG A 18 -2.61 11.94 -10.16
CA ARG A 18 -1.51 11.72 -11.09
C ARG A 18 -0.57 10.67 -10.48
N VAL A 19 0.03 9.85 -11.33
CA VAL A 19 0.95 8.83 -10.85
C VAL A 19 2.17 8.72 -11.78
N SER A 20 3.32 8.34 -11.21
CA SER A 20 4.56 8.24 -11.98
C SER A 20 5.28 6.93 -11.71
N PHE A 21 5.70 6.26 -12.78
CA PHE A 21 6.45 5.01 -12.68
C PHE A 21 7.91 5.27 -12.99
N SER A 22 8.80 4.60 -12.26
CA SER A 22 10.23 4.84 -12.41
C SER A 22 10.95 3.65 -13.05
N CYS A 23 11.93 3.96 -13.89
CA CYS A 23 12.80 2.95 -14.47
C CYS A 23 14.24 3.46 -14.50
N ARG A 24 15.11 2.85 -13.71
CA ARG A 24 16.52 3.23 -13.69
C ARG A 24 17.41 2.17 -14.34
N ALA A 25 18.30 2.62 -15.22
CA ALA A 25 19.18 1.72 -15.95
C ALA A 25 20.57 1.63 -15.33
N SER A 26 21.19 0.45 -15.43
CA SER A 26 22.51 0.23 -14.85
C SER A 26 23.63 1.06 -15.50
N GLN A 27 23.34 1.57 -16.69
CA GLN A 27 24.22 2.54 -17.34
C GLN A 27 23.41 3.36 -18.34
N SER A 28 24.04 4.39 -18.90
CA SER A 28 23.34 5.31 -19.80
C SER A 28 22.83 4.60 -21.05
N ILE A 29 21.57 4.87 -21.38
CA ILE A 29 20.96 4.29 -22.58
C ILE A 29 20.29 5.37 -23.44
N GLY A 30 20.62 6.63 -23.15
CA GLY A 30 20.07 7.76 -23.86
C GLY A 30 18.58 7.91 -23.64
N THR A 31 17.81 7.76 -24.73
CA THR A 31 16.36 7.80 -24.65
C THR A 31 15.77 6.54 -25.26
N ASN A 32 16.59 5.49 -25.34
CA ASN A 32 16.19 4.23 -25.95
C ASN A 32 15.44 3.34 -24.98
N ILE A 33 14.26 3.77 -24.58
CA ILE A 33 13.43 3.02 -23.64
C ILE A 33 11.98 3.02 -24.08
N HIS A 34 11.32 1.86 -23.94
CA HIS A 34 9.91 1.71 -24.28
C HIS A 34 9.11 1.24 -23.07
N TRP A 35 7.84 1.64 -22.99
CA TRP A 35 7.00 1.27 -21.87
C TRP A 35 5.85 0.37 -22.29
N TYR A 36 5.47 -0.56 -21.40
CA TYR A 36 4.41 -1.51 -21.71
C TYR A 36 3.37 -1.62 -20.60
N GLN A 37 2.13 -1.87 -21.01
CA GLN A 37 1.05 -2.15 -20.09
C GLN A 37 0.62 -3.59 -20.27
N GLN A 38 0.45 -4.30 -19.16
CA GLN A 38 -0.08 -5.66 -19.20
C GLN A 38 -1.28 -5.77 -18.25
N ARG A 39 -2.47 -5.94 -18.83
CA ARG A 39 -3.67 -6.14 -18.04
C ARG A 39 -3.83 -7.62 -17.71
N THR A 40 -4.76 -7.92 -16.80
CA THR A 40 -5.01 -9.29 -16.38
C THR A 40 -5.31 -10.20 -17.58
N ASN A 41 -4.57 -11.31 -17.67
CA ASN A 41 -4.71 -12.28 -18.75
C ASN A 41 -4.49 -11.69 -20.15
N GLY A 42 -3.74 -10.59 -20.20
CA GLY A 42 -3.43 -9.96 -21.48
C GLY A 42 -1.97 -10.08 -21.86
N SER A 43 -1.69 -9.70 -23.11
CA SER A 43 -0.32 -9.59 -23.59
C SER A 43 0.12 -8.14 -23.40
N PRO A 44 1.44 -7.90 -23.34
CA PRO A 44 1.97 -6.53 -23.19
C PRO A 44 1.45 -5.58 -24.26
N ARG A 45 1.15 -4.36 -23.86
CA ARG A 45 0.60 -3.35 -24.77
C ARG A 45 1.56 -2.15 -24.81
N LEU A 46 2.08 -1.83 -26.00
CA LEU A 46 3.01 -0.72 -26.16
C LEU A 46 2.36 0.63 -25.88
N LEU A 47 2.93 1.38 -24.94
CA LEU A 47 2.37 2.67 -24.52
C LEU A 47 3.20 3.85 -25.04
N ILE A 48 4.50 3.79 -24.80
CA ILE A 48 5.41 4.88 -25.13
C ILE A 48 6.66 4.30 -25.76
N LYS A 49 7.14 4.91 -26.84
CA LYS A 49 8.41 4.49 -27.44
C LYS A 49 9.43 5.62 -27.35
N TYR A 50 10.69 5.26 -27.15
CA TYR A 50 11.77 6.22 -27.06
C TYR A 50 11.51 7.34 -26.04
N ALA A 51 11.34 6.95 -24.79
CA ALA A 51 11.21 7.87 -23.66
C ALA A 51 9.93 8.69 -23.63
N SER A 52 9.58 9.33 -24.75
CA SER A 52 8.48 10.30 -24.74
C SER A 52 7.56 10.30 -25.95
N GLU A 53 7.93 9.56 -27.00
CA GLU A 53 7.13 9.53 -28.23
C GLU A 53 5.83 8.73 -28.05
N SER A 54 4.72 9.34 -28.44
CA SER A 54 3.40 8.74 -28.23
C SER A 54 3.07 7.63 -29.23
N ILE A 55 2.10 6.78 -28.85
CA ILE A 55 1.71 5.64 -29.66
C ILE A 55 0.24 5.76 -30.07
N SER A 56 -0.06 5.38 -31.31
CA SER A 56 -1.43 5.39 -31.83
C SER A 56 -2.40 4.60 -30.95
N GLY A 57 -3.58 5.18 -30.69
CA GLY A 57 -4.59 4.54 -29.89
C GLY A 57 -4.36 4.59 -28.40
N ILE A 58 -3.26 5.17 -27.95
CA ILE A 58 -2.97 5.27 -26.52
C ILE A 58 -3.53 6.60 -26.01
N PRO A 59 -4.27 6.60 -24.91
CA PRO A 59 -4.84 7.86 -24.40
C PRO A 59 -3.78 8.91 -24.11
N SER A 60 -4.18 10.17 -24.19
CA SER A 60 -3.26 11.27 -23.99
C SER A 60 -2.78 11.38 -22.55
N ARG A 61 -3.44 10.72 -21.61
CA ARG A 61 -3.06 10.78 -20.21
C ARG A 61 -1.74 10.06 -19.93
N PHE A 62 -1.29 9.26 -20.90
CA PHE A 62 0.00 8.58 -20.81
C PHE A 62 1.11 9.44 -21.41
N SER A 63 2.18 9.65 -20.63
CA SER A 63 3.35 10.35 -21.14
C SER A 63 4.60 9.82 -20.44
N GLY A 64 5.75 10.02 -21.07
CA GLY A 64 7.00 9.59 -20.49
C GLY A 64 8.07 10.66 -20.61
N SER A 65 9.09 10.57 -19.77
CA SER A 65 10.20 11.50 -19.84
C SER A 65 11.47 10.84 -19.33
N GLY A 66 12.57 11.57 -19.37
CA GLY A 66 13.85 11.07 -18.88
C GLY A 66 14.89 10.84 -19.96
N SER A 67 16.15 10.77 -19.54
CA SER A 67 17.25 10.48 -20.44
C SER A 67 18.48 10.04 -19.64
N GLY A 68 19.30 9.18 -20.24
CA GLY A 68 20.48 8.68 -19.57
C GLY A 68 20.23 7.40 -18.80
N THR A 69 19.93 7.52 -17.51
CA THR A 69 19.67 6.35 -16.68
C THR A 69 18.34 6.45 -15.91
N ASP A 70 17.74 7.63 -15.91
CA ASP A 70 16.54 7.87 -15.11
C ASP A 70 15.32 8.20 -15.96
N PHE A 71 14.31 7.35 -15.89
CA PHE A 71 13.12 7.48 -16.74
C PHE A 71 11.83 7.42 -15.94
N THR A 72 10.79 8.06 -16.47
CA THR A 72 9.52 8.18 -15.75
C THR A 72 8.33 8.06 -16.68
N LEU A 73 7.43 7.14 -16.36
CA LEU A 73 6.14 7.02 -17.06
C LEU A 73 5.07 7.65 -16.20
N SER A 74 4.26 8.53 -16.78
CA SER A 74 3.27 9.26 -16.01
C SER A 74 1.84 9.11 -16.52
N ILE A 75 0.90 9.12 -15.59
CA ILE A 75 -0.53 9.16 -15.89
C ILE A 75 -1.15 10.34 -15.14
N ASN A 76 -1.59 11.36 -15.88
CA ASN A 76 -2.06 12.60 -15.25
C ASN A 76 -3.33 12.44 -14.42
N SER A 77 -4.27 11.63 -14.91
CA SER A 77 -5.51 11.38 -14.21
C SER A 77 -5.83 9.89 -14.30
N VAL A 78 -5.41 9.13 -13.31
CA VAL A 78 -5.53 7.68 -13.34
C VAL A 78 -7.00 7.24 -13.29
N GLU A 79 -7.36 6.28 -14.13
CA GLU A 79 -8.72 5.75 -14.17
C GLU A 79 -8.73 4.29 -13.69
N SER A 80 -9.92 3.73 -13.50
CA SER A 80 -10.06 2.37 -13.03
C SER A 80 -9.47 1.36 -14.03
N GLU A 81 -9.53 1.71 -15.31
CA GLU A 81 -9.04 0.83 -16.37
C GLU A 81 -7.52 0.77 -16.45
N ASP A 82 -6.86 1.60 -15.65
CA ASP A 82 -5.39 1.64 -15.66
C ASP A 82 -4.78 0.54 -14.79
N ILE A 83 -5.61 -0.20 -14.08
CA ILE A 83 -5.15 -1.31 -13.25
C ILE A 83 -4.42 -2.35 -14.10
N ALA A 84 -3.11 -2.46 -13.89
CA ALA A 84 -2.26 -3.32 -14.71
C ALA A 84 -0.82 -3.31 -14.18
N ASP A 85 0.03 -4.09 -14.83
CA ASP A 85 1.46 -4.02 -14.55
C ASP A 85 2.13 -3.21 -15.65
N TYR A 86 3.18 -2.49 -15.28
CA TYR A 86 3.87 -1.65 -16.23
C TYR A 86 5.34 -2.01 -16.30
N TYR A 87 5.85 -2.16 -17.52
CA TYR A 87 7.23 -2.59 -17.73
C TYR A 87 7.99 -1.61 -18.60
N CYS A 88 9.28 -1.47 -18.32
CA CYS A 88 10.15 -0.69 -19.19
C CYS A 88 11.07 -1.62 -19.95
N GLN A 89 11.50 -1.18 -21.13
CA GLN A 89 12.36 -1.97 -21.99
C GLN A 89 13.43 -1.05 -22.56
N GLN A 90 14.68 -1.48 -22.49
CA GLN A 90 15.77 -0.72 -23.09
C GLN A 90 16.23 -1.43 -24.35
N ASN A 91 16.73 -0.66 -25.31
CA ASN A 91 17.30 -1.24 -26.53
C ASN A 91 18.45 -0.40 -27.07
N ASN A 92 19.20 0.22 -26.17
CA ASN A 92 20.43 0.88 -26.55
C ASN A 92 21.54 -0.15 -26.69
N ASN A 93 21.41 -1.25 -25.95
CA ASN A 93 22.40 -2.32 -25.94
C ASN A 93 21.76 -3.70 -26.17
N TRP A 94 22.36 -4.48 -27.06
CA TRP A 94 21.93 -5.85 -27.29
C TRP A 94 22.40 -6.72 -26.14
N PRO A 95 21.55 -7.66 -25.67
CA PRO A 95 20.17 -7.84 -26.14
C PRO A 95 19.21 -6.93 -25.40
N THR A 96 18.08 -6.60 -26.02
CA THR A 96 17.06 -5.80 -25.38
C THR A 96 16.60 -6.48 -24.08
N THR A 97 16.42 -5.68 -23.03
CA THR A 97 16.05 -6.22 -21.72
C THR A 97 14.84 -5.48 -21.15
N PHE A 98 14.14 -6.13 -20.23
CA PHE A 98 12.95 -5.54 -19.61
C PHE A 98 13.17 -5.39 -18.11
N GLY A 99 12.45 -4.45 -17.50
CA GLY A 99 12.45 -4.31 -16.05
C GLY A 99 11.59 -5.37 -15.39
N ALA A 100 11.61 -5.42 -14.05
CA ALA A 100 10.84 -6.43 -13.33
C ALA A 100 9.36 -6.05 -13.23
N GLY A 101 9.06 -4.77 -13.45
CA GLY A 101 7.68 -4.32 -13.52
C GLY A 101 7.16 -3.65 -12.26
N THR A 102 6.22 -2.74 -12.44
CA THR A 102 5.56 -2.07 -11.32
C THR A 102 4.05 -2.33 -11.38
N LYS A 103 3.46 -2.68 -10.24
CA LYS A 103 2.02 -2.97 -10.18
C LYS A 103 1.21 -1.74 -9.76
N LEU A 104 0.15 -1.45 -10.50
CA LEU A 104 -0.71 -0.31 -10.20
C LEU A 104 -2.04 -0.73 -9.57
N GLU A 105 -2.15 -0.55 -8.26
CA GLU A 105 -3.40 -0.83 -7.55
C GLU A 105 -4.19 0.46 -7.35
N LEU A 106 -5.51 0.35 -7.24
CA LEU A 106 -6.34 1.53 -7.05
C LEU A 106 -7.09 1.53 -5.74
N LYS A 107 -7.21 2.72 -5.14
CA LYS A 107 -7.98 2.89 -3.92
C LYS A 107 -9.42 3.23 -4.24
N ARG A 108 -10.31 2.93 -3.31
CA ARG A 108 -11.71 3.31 -3.43
C ARG A 108 -12.35 3.21 -2.06
N THR A 109 -13.64 3.51 -2.00
CA THR A 109 -14.37 3.45 -0.75
C THR A 109 -14.54 1.99 -0.31
N VAL A 110 -14.65 1.80 1.01
CA VAL A 110 -14.91 0.47 1.57
C VAL A 110 -16.23 -0.08 1.05
N ALA A 111 -16.20 -1.31 0.53
CA ALA A 111 -17.40 -2.00 0.09
C ALA A 111 -17.48 -3.40 0.70
N ALA A 112 -18.56 -3.67 1.42
CA ALA A 112 -18.79 -5.00 2.01
C ALA A 112 -19.08 -6.04 0.93
N PRO A 113 -18.65 -7.29 1.16
CA PRO A 113 -18.89 -8.35 0.17
C PRO A 113 -20.31 -8.88 0.24
N SER A 114 -20.87 -9.25 -0.90
CA SER A 114 -22.07 -10.07 -0.93
C SER A 114 -21.59 -11.51 -0.78
N VAL A 115 -22.16 -12.23 0.17
CA VAL A 115 -21.74 -13.61 0.45
C VAL A 115 -22.78 -14.62 -0.04
N PHE A 116 -22.33 -15.57 -0.86
CA PHE A 116 -23.20 -16.64 -1.33
C PHE A 116 -22.56 -17.99 -1.06
N ILE A 117 -23.37 -18.98 -0.70
CA ILE A 117 -22.86 -20.33 -0.47
C ILE A 117 -23.49 -21.35 -1.43
N PHE A 118 -22.67 -22.26 -1.94
CA PHE A 118 -23.12 -23.27 -2.89
C PHE A 118 -22.84 -24.69 -2.41
N PRO A 119 -23.90 -25.48 -2.18
CA PRO A 119 -23.70 -26.90 -1.84
C PRO A 119 -23.13 -27.67 -3.04
N PRO A 120 -22.56 -28.86 -2.80
CA PRO A 120 -22.08 -29.68 -3.91
C PRO A 120 -23.22 -30.14 -4.81
N SER A 121 -22.93 -30.38 -6.08
CA SER A 121 -23.91 -30.95 -6.99
C SER A 121 -24.03 -32.43 -6.73
N ASP A 122 -25.17 -33.02 -7.09
CA ASP A 122 -25.33 -34.47 -6.99
C ASP A 122 -24.38 -35.16 -7.96
N GLU A 123 -24.05 -34.46 -9.04
CA GLU A 123 -23.13 -34.96 -10.04
CA GLU A 123 -23.12 -34.97 -10.04
C GLU A 123 -21.76 -35.24 -9.43
N GLN A 124 -21.24 -34.29 -8.67
CA GLN A 124 -19.92 -34.45 -8.05
C GLN A 124 -19.94 -35.54 -6.97
N LEU A 125 -21.03 -35.61 -6.23
CA LEU A 125 -21.18 -36.58 -5.15
C LEU A 125 -21.04 -38.03 -5.63
N LYS A 126 -21.43 -38.27 -6.86
CA LYS A 126 -21.30 -39.61 -7.45
C LYS A 126 -19.84 -40.05 -7.55
N SER A 127 -18.94 -39.09 -7.68
CA SER A 127 -17.51 -39.40 -7.83
C SER A 127 -16.80 -39.59 -6.50
N GLY A 128 -17.51 -39.34 -5.40
CA GLY A 128 -16.97 -39.59 -4.08
C GLY A 128 -16.38 -38.37 -3.38
N THR A 129 -16.47 -37.21 -4.03
CA THR A 129 -15.93 -35.97 -3.48
C THR A 129 -17.03 -34.91 -3.36
N ALA A 130 -16.94 -34.08 -2.33
CA ALA A 130 -17.89 -33.00 -2.12
C ALA A 130 -17.19 -31.64 -1.99
N SER A 131 -17.41 -30.76 -2.95
CA SER A 131 -16.88 -29.38 -2.86
C SER A 131 -17.98 -28.38 -2.47
N VAL A 132 -17.76 -27.67 -1.37
CA VAL A 132 -18.66 -26.61 -0.94
C VAL A 132 -18.00 -25.26 -1.18
N VAL A 133 -18.66 -24.39 -1.95
CA VAL A 133 -18.07 -23.11 -2.39
C VAL A 133 -18.72 -21.96 -1.65
N CYS A 134 -17.90 -21.04 -1.16
CA CYS A 134 -18.34 -19.80 -0.52
C CYS A 134 -17.79 -18.64 -1.34
N LEU A 135 -18.68 -17.75 -1.80
CA LEU A 135 -18.32 -16.67 -2.71
C LEU A 135 -18.45 -15.33 -2.01
N LEU A 136 -17.38 -14.54 -2.04
CA LEU A 136 -17.37 -13.17 -1.54
C LEU A 136 -17.26 -12.24 -2.74
N ASN A 137 -18.35 -11.57 -3.06
CA ASN A 137 -18.43 -10.84 -4.32
C ASN A 137 -18.33 -9.34 -4.15
N ASN A 138 -17.46 -8.72 -4.97
CA ASN A 138 -17.35 -7.26 -5.09
C ASN A 138 -17.14 -6.50 -3.78
N PHE A 139 -15.96 -6.68 -3.20
CA PHE A 139 -15.64 -6.05 -1.94
C PHE A 139 -14.31 -5.30 -2.00
N TYR A 140 -14.10 -4.40 -1.04
CA TYR A 140 -12.86 -3.67 -0.91
C TYR A 140 -12.73 -3.17 0.53
N PRO A 141 -11.52 -3.27 1.10
CA PRO A 141 -10.28 -3.74 0.47
C PRO A 141 -10.18 -5.26 0.37
N ARG A 142 -9.03 -5.75 -0.09
CA ARG A 142 -8.84 -7.15 -0.42
C ARG A 142 -8.92 -8.10 0.79
N GLU A 143 -8.45 -7.65 1.94
CA GLU A 143 -8.39 -8.47 3.14
C GLU A 143 -9.77 -8.95 3.65
N ALA A 144 -9.87 -10.26 3.85
CA ALA A 144 -11.09 -10.88 4.39
C ALA A 144 -10.77 -12.17 5.13
N LYS A 145 -11.67 -12.59 6.01
CA LYS A 145 -11.55 -13.87 6.69
C LYS A 145 -12.73 -14.75 6.33
N VAL A 146 -12.46 -15.98 5.91
CA VAL A 146 -13.51 -16.97 5.74
C VAL A 146 -13.25 -18.12 6.69
N GLN A 147 -14.24 -18.45 7.50
CA GLN A 147 -14.13 -19.61 8.38
C GLN A 147 -15.26 -20.59 8.10
N TRP A 148 -14.89 -21.85 7.89
CA TRP A 148 -15.86 -22.91 7.65
C TRP A 148 -16.22 -23.64 8.94
N LYS A 149 -17.48 -24.03 9.06
CA LYS A 149 -17.95 -24.85 10.17
C LYS A 149 -18.89 -25.94 9.69
N VAL A 150 -18.58 -27.17 10.05
CA VAL A 150 -19.44 -28.31 9.75
C VAL A 150 -19.96 -28.86 11.08
N ASP A 151 -21.29 -28.81 11.26
CA ASP A 151 -21.93 -29.13 12.54
C ASP A 151 -21.21 -28.49 13.73
N ASN A 152 -20.96 -27.19 13.62
CA ASN A 152 -20.29 -26.42 14.67
C ASN A 152 -18.82 -26.82 14.92
N ALA A 153 -18.27 -27.67 14.06
CA ALA A 153 -16.84 -27.99 14.14
C ALA A 153 -16.05 -27.10 13.18
N LEU A 154 -15.10 -26.35 13.72
CA LEU A 154 -14.26 -25.48 12.91
C LEU A 154 -13.38 -26.30 11.95
N GLN A 155 -13.44 -25.97 10.66
CA GLN A 155 -12.62 -26.65 9.67
C GLN A 155 -11.27 -25.94 9.55
N SER A 156 -10.24 -26.70 9.20
CA SER A 156 -8.90 -26.13 9.05
C SER A 156 -8.02 -26.99 8.14
N GLY A 157 -7.41 -26.36 7.14
CA GLY A 157 -6.54 -27.05 6.22
C GLY A 157 -7.23 -27.71 5.04
N ASN A 158 -8.56 -27.83 5.09
CA ASN A 158 -9.31 -28.47 4.00
C ASN A 158 -10.07 -27.51 3.09
N SER A 159 -9.66 -26.25 3.07
CA SER A 159 -10.24 -25.29 2.15
C SER A 159 -9.16 -24.55 1.38
N GLN A 160 -9.48 -24.09 0.18
CA GLN A 160 -8.56 -23.27 -0.59
C GLN A 160 -9.22 -21.99 -1.07
N GLU A 161 -8.44 -20.91 -1.07
CA GLU A 161 -8.93 -19.59 -1.48
C GLU A 161 -8.34 -19.14 -2.82
N SER A 162 -9.13 -18.41 -3.58
CA SER A 162 -8.67 -17.77 -4.80
C SER A 162 -9.27 -16.37 -4.87
N VAL A 163 -8.44 -15.40 -5.20
CA VAL A 163 -8.88 -14.01 -5.28
C VAL A 163 -8.67 -13.48 -6.68
N THR A 164 -9.69 -12.84 -7.24
CA THR A 164 -9.55 -12.25 -8.56
C THR A 164 -8.60 -11.07 -8.47
N GLU A 165 -8.02 -10.71 -9.61
CA GLU A 165 -7.31 -9.44 -9.71
C GLU A 165 -8.32 -8.31 -9.52
N GLN A 166 -7.83 -7.09 -9.32
CA GLN A 166 -8.72 -5.98 -9.09
C GLN A 166 -9.57 -5.71 -10.33
N ASP A 167 -10.88 -5.52 -10.12
CA ASP A 167 -11.79 -5.25 -11.21
C ASP A 167 -11.47 -3.91 -11.86
N SER A 168 -11.31 -3.91 -13.18
CA SER A 168 -10.93 -2.70 -13.89
C SER A 168 -12.08 -1.70 -14.06
N LYS A 169 -13.28 -2.09 -13.64
CA LYS A 169 -14.44 -1.22 -13.79
C LYS A 169 -14.87 -0.55 -12.49
N ASP A 170 -14.92 -1.32 -11.40
CA ASP A 170 -15.35 -0.76 -10.12
C ASP A 170 -14.33 -0.94 -8.98
N SER A 171 -13.13 -1.41 -9.34
CA SER A 171 -12.00 -1.48 -8.41
C SER A 171 -12.16 -2.44 -7.24
N THR A 172 -13.07 -3.41 -7.37
CA THR A 172 -13.32 -4.35 -6.29
C THR A 172 -12.60 -5.68 -6.49
N TYR A 173 -12.66 -6.52 -5.48
CA TYR A 173 -12.11 -7.86 -5.55
C TYR A 173 -13.23 -8.87 -5.36
N SER A 174 -12.98 -10.11 -5.76
CA SER A 174 -13.88 -11.19 -5.41
C SER A 174 -13.05 -12.39 -4.97
N LEU A 175 -13.61 -13.15 -4.04
CA LEU A 175 -12.91 -14.28 -3.46
C LEU A 175 -13.80 -15.51 -3.41
N SER A 176 -13.20 -16.66 -3.68
CA SER A 176 -13.89 -17.92 -3.55
C SER A 176 -13.12 -18.77 -2.54
N SER A 177 -13.83 -19.29 -1.55
CA SER A 177 -13.26 -20.29 -0.66
C SER A 177 -14.01 -21.60 -0.90
N THR A 178 -13.27 -22.66 -1.19
CA THR A 178 -13.84 -23.96 -1.49
C THR A 178 -13.46 -24.94 -0.39
N LEU A 179 -14.46 -25.53 0.25
CA LEU A 179 -14.24 -26.58 1.22
C LEU A 179 -14.39 -27.93 0.52
N THR A 180 -13.38 -28.79 0.64
CA THR A 180 -13.39 -30.08 -0.03
C THR A 180 -13.45 -31.23 0.97
N LEU A 181 -14.51 -32.02 0.88
CA LEU A 181 -14.71 -33.16 1.76
C LEU A 181 -14.83 -34.44 0.94
N SER A 182 -14.67 -35.57 1.60
CA SER A 182 -15.04 -36.85 1.00
C SER A 182 -16.56 -36.94 1.06
N LYS A 183 -17.15 -37.74 0.18
CA LYS A 183 -18.60 -37.92 0.16
C LYS A 183 -19.10 -38.46 1.50
N ALA A 184 -18.34 -39.39 2.08
CA ALA A 184 -18.74 -40.04 3.32
C ALA A 184 -18.82 -39.02 4.45
N ASP A 185 -17.74 -38.26 4.63
CA ASP A 185 -17.70 -37.20 5.63
C ASP A 185 -18.83 -36.19 5.43
N TYR A 186 -19.09 -35.81 4.18
CA TYR A 186 -20.15 -34.86 3.86
C TYR A 186 -21.51 -35.38 4.28
N GLU A 187 -21.73 -36.68 4.05
CA GLU A 187 -23.03 -37.31 4.34
C GLU A 187 -23.25 -37.53 5.83
N LYS A 188 -22.16 -37.55 6.59
CA LYS A 188 -22.25 -37.75 8.03
C LYS A 188 -22.61 -36.48 8.80
N HIS A 189 -22.86 -35.38 8.09
CA HIS A 189 -23.11 -34.10 8.75
C HIS A 189 -24.24 -33.30 8.10
N LYS A 190 -24.72 -32.28 8.80
CA LYS A 190 -25.92 -31.57 8.40
C LYS A 190 -25.71 -30.08 8.06
N VAL A 191 -25.20 -29.31 9.01
CA VAL A 191 -25.10 -27.85 8.86
C VAL A 191 -23.75 -27.42 8.30
N TYR A 192 -23.78 -26.73 7.16
CA TYR A 192 -22.56 -26.22 6.54
C TYR A 192 -22.59 -24.70 6.49
N ALA A 193 -21.54 -24.07 7.00
CA ALA A 193 -21.53 -22.62 7.13
C ALA A 193 -20.14 -22.06 6.85
N CYS A 194 -20.10 -20.94 6.13
CA CYS A 194 -18.90 -20.11 6.02
C CYS A 194 -19.22 -18.75 6.63
N GLU A 195 -18.43 -18.36 7.64
CA GLU A 195 -18.58 -17.06 8.28
C GLU A 195 -17.55 -16.11 7.69
N VAL A 196 -18.00 -14.93 7.30
CA VAL A 196 -17.16 -13.95 6.61
C VAL A 196 -16.91 -12.71 7.46
N THR A 197 -15.65 -12.30 7.51
CA THR A 197 -15.25 -11.10 8.22
C THR A 197 -14.60 -10.14 7.23
N HIS A 198 -15.00 -8.87 7.30
CA HIS A 198 -14.45 -7.85 6.41
C HIS A 198 -14.70 -6.46 7.03
N GLN A 199 -13.87 -5.50 6.65
CA GLN A 199 -13.99 -4.12 7.15
C GLN A 199 -15.37 -3.49 6.92
N GLY A 200 -16.03 -3.82 5.81
CA GLY A 200 -17.31 -3.21 5.47
C GLY A 200 -18.49 -3.75 6.26
N LEU A 201 -18.27 -4.79 7.04
CA LEU A 201 -19.33 -5.41 7.84
C LEU A 201 -19.20 -5.04 9.32
N SER A 202 -20.31 -4.66 9.93
CA SER A 202 -20.32 -4.31 11.35
C SER A 202 -20.37 -5.57 12.21
N SER A 203 -20.68 -6.69 11.58
CA SER A 203 -20.67 -7.99 12.24
C SER A 203 -20.45 -9.06 11.19
N PRO A 204 -19.88 -10.22 11.58
CA PRO A 204 -19.61 -11.28 10.63
C PRO A 204 -20.88 -11.77 9.93
N VAL A 205 -20.75 -12.14 8.66
CA VAL A 205 -21.86 -12.68 7.91
C VAL A 205 -21.70 -14.18 7.73
N THR A 206 -22.72 -14.92 8.14
CA THR A 206 -22.71 -16.37 8.00
C THR A 206 -23.77 -16.82 7.00
N LYS A 207 -23.32 -17.36 5.89
CA LYS A 207 -24.22 -18.07 4.98
C LYS A 207 -24.14 -19.55 5.29
N SER A 208 -25.28 -20.21 5.38
CA SER A 208 -25.27 -21.63 5.71
C SER A 208 -26.42 -22.38 5.06
N PHE A 209 -26.26 -23.70 4.94
CA PHE A 209 -27.36 -24.55 4.48
C PHE A 209 -27.35 -25.87 5.25
N ASN A 210 -28.47 -26.57 5.19
CA ASN A 210 -28.56 -27.92 5.73
C ASN A 210 -28.58 -28.92 4.59
N ARG A 211 -27.71 -29.92 4.64
CA ARG A 211 -27.72 -30.97 3.65
C ARG A 211 -29.11 -31.62 3.60
N GLY A 212 -29.84 -31.36 2.52
CA GLY A 212 -31.19 -31.86 2.37
C GLY A 212 -32.25 -30.81 2.59
N GLN B 1 -6.39 -6.10 -40.40
CA GLN B 1 -5.55 -5.62 -39.31
C GLN B 1 -4.36 -6.54 -39.05
N VAL B 2 -3.36 -6.02 -38.34
CA VAL B 2 -2.17 -6.80 -38.00
C VAL B 2 -2.46 -7.74 -36.83
N GLN B 3 -2.33 -9.04 -37.07
CA GLN B 3 -2.61 -10.03 -36.03
C GLN B 3 -1.56 -11.12 -35.97
N LEU B 4 -1.26 -11.58 -34.76
CA LEU B 4 -0.37 -12.71 -34.56
C LEU B 4 -1.10 -13.77 -33.74
N LYS B 5 -1.28 -14.95 -34.32
CA LYS B 5 -2.06 -16.01 -33.67
C LYS B 5 -1.21 -17.26 -33.44
N GLN B 6 -0.99 -17.58 -32.16
CA GLN B 6 -0.11 -18.67 -31.77
C GLN B 6 -0.89 -19.97 -31.56
N SER B 7 -0.20 -21.09 -31.69
CA SER B 7 -0.81 -22.40 -31.48
C SER B 7 -1.18 -22.60 -30.00
N GLY B 8 -1.98 -23.63 -29.74
CA GLY B 8 -2.55 -23.86 -28.42
C GLY B 8 -1.57 -24.22 -27.30
N PRO B 9 -1.99 -24.00 -26.05
CA PRO B 9 -1.20 -24.35 -24.87
C PRO B 9 -1.02 -25.85 -24.73
N GLY B 10 0.09 -26.27 -24.13
CA GLY B 10 0.38 -27.69 -24.00
C GLY B 10 1.45 -28.03 -23.00
N LEU B 11 1.51 -29.32 -22.68
CA LEU B 11 2.45 -29.86 -21.71
C LEU B 11 3.69 -30.40 -22.41
N VAL B 12 4.86 -30.11 -21.85
CA VAL B 12 6.12 -30.63 -22.38
C VAL B 12 6.91 -31.35 -21.29
N GLN B 13 7.34 -32.58 -21.59
CA GLN B 13 8.11 -33.37 -20.62
C GLN B 13 9.53 -32.81 -20.46
N PRO B 14 10.11 -32.95 -19.26
CA PRO B 14 11.50 -32.53 -19.04
C PRO B 14 12.44 -33.16 -20.06
N SER B 15 13.43 -32.38 -20.50
CA SER B 15 14.42 -32.80 -21.51
C SER B 15 13.88 -32.85 -22.94
N GLN B 16 12.55 -32.87 -23.09
CA GLN B 16 11.94 -32.89 -24.42
C GLN B 16 11.97 -31.51 -25.06
N SER B 17 11.43 -31.40 -26.27
CA SER B 17 11.46 -30.15 -27.01
C SER B 17 10.11 -29.43 -27.07
N LEU B 18 10.16 -28.11 -27.22
CA LEU B 18 8.98 -27.27 -27.32
C LEU B 18 8.77 -26.79 -28.76
N SER B 19 7.53 -26.79 -29.23
CA SER B 19 7.22 -26.34 -30.59
C SER B 19 5.99 -25.44 -30.63
N ILE B 20 6.17 -24.22 -31.16
CA ILE B 20 5.07 -23.26 -31.27
C ILE B 20 5.02 -22.68 -32.68
N THR B 21 3.81 -22.54 -33.20
CA THR B 21 3.60 -21.94 -34.51
C THR B 21 2.99 -20.54 -34.35
N CYS B 22 3.57 -19.56 -35.04
CA CYS B 22 3.01 -18.21 -35.07
C CYS B 22 2.52 -17.90 -36.47
N THR B 23 1.20 -17.84 -36.62
CA THR B 23 0.60 -17.50 -37.91
C THR B 23 0.20 -16.02 -37.90
N VAL B 24 0.70 -15.26 -38.87
CA VAL B 24 0.43 -13.83 -38.92
C VAL B 24 -0.50 -13.44 -40.07
N SER B 25 -1.12 -12.28 -39.94
CA SER B 25 -1.94 -11.69 -40.98
C SER B 25 -1.88 -10.17 -40.90
N GLY B 26 -2.17 -9.49 -42.01
CA GLY B 26 -2.16 -8.04 -42.05
C GLY B 26 -0.81 -7.48 -42.46
N PHE B 27 0.17 -8.37 -42.62
CA PHE B 27 1.48 -7.98 -43.12
C PHE B 27 2.21 -9.20 -43.68
N SER B 28 3.28 -8.96 -44.43
CA SER B 28 4.04 -10.06 -45.00
C SER B 28 5.30 -10.34 -44.18
N LEU B 29 5.68 -11.60 -44.10
CA LEU B 29 6.90 -11.98 -43.38
C LEU B 29 8.13 -11.53 -44.14
N THR B 30 7.96 -11.25 -45.44
CA THR B 30 9.05 -10.76 -46.26
C THR B 30 9.36 -9.30 -45.96
N ASN B 31 8.50 -8.67 -45.18
CA ASN B 31 8.66 -7.24 -44.84
C ASN B 31 9.00 -6.97 -43.38
N TYR B 32 8.60 -7.87 -42.48
CA TYR B 32 8.84 -7.64 -41.06
C TYR B 32 9.51 -8.83 -40.38
N GLY B 33 10.30 -8.53 -39.35
CA GLY B 33 10.89 -9.56 -38.53
C GLY B 33 9.94 -9.95 -37.42
N VAL B 34 9.92 -11.24 -37.08
CA VAL B 34 9.09 -11.72 -35.99
C VAL B 34 9.95 -12.07 -34.78
N HIS B 35 9.65 -11.44 -33.65
CA HIS B 35 10.42 -11.64 -32.44
C HIS B 35 9.76 -12.66 -31.51
N TRP B 36 10.55 -13.20 -30.58
CA TRP B 36 10.03 -14.15 -29.61
C TRP B 36 10.41 -13.74 -28.19
N VAL B 37 9.41 -13.61 -27.33
CA VAL B 37 9.60 -13.17 -25.96
C VAL B 37 8.86 -14.12 -25.02
N ARG B 38 9.48 -14.48 -23.91
CA ARG B 38 8.80 -15.30 -22.92
C ARG B 38 8.70 -14.58 -21.59
N GLN B 39 7.81 -15.06 -20.73
CA GLN B 39 7.55 -14.42 -19.46
C GLN B 39 7.43 -15.45 -18.34
N SER B 40 8.50 -15.60 -17.56
CA SER B 40 8.55 -16.61 -16.50
C SER B 40 8.45 -15.97 -15.11
N PRO B 41 8.01 -16.76 -14.12
CA PRO B 41 8.02 -16.30 -12.72
C PRO B 41 9.42 -15.89 -12.27
N GLY B 42 10.41 -16.66 -12.72
CA GLY B 42 11.80 -16.41 -12.34
C GLY B 42 12.42 -15.14 -12.91
N LYS B 43 12.29 -14.93 -14.22
CA LYS B 43 13.00 -13.85 -14.88
C LYS B 43 12.12 -12.79 -15.55
N GLY B 44 10.80 -12.89 -15.35
CA GLY B 44 9.88 -11.95 -15.97
C GLY B 44 9.96 -11.98 -17.48
N LEU B 45 9.92 -10.81 -18.10
CA LEU B 45 10.01 -10.69 -19.56
C LEU B 45 11.45 -10.85 -20.03
N GLU B 46 11.64 -11.56 -21.14
CA GLU B 46 12.97 -11.97 -21.54
C GLU B 46 13.00 -12.22 -23.04
N TRP B 47 13.79 -11.43 -23.76
CA TRP B 47 13.87 -11.55 -25.21
C TRP B 47 14.66 -12.81 -25.58
N LEU B 48 14.07 -13.64 -26.42
CA LEU B 48 14.67 -14.94 -26.77
C LEU B 48 15.39 -14.91 -28.12
N GLY B 49 14.72 -14.35 -29.13
CA GLY B 49 15.28 -14.34 -30.47
C GLY B 49 14.36 -13.71 -31.51
N VAL B 50 14.83 -13.66 -32.75
CA VAL B 50 14.10 -13.05 -33.84
C VAL B 50 14.48 -13.70 -35.18
N ILE B 51 13.52 -13.78 -36.09
CA ILE B 51 13.84 -14.14 -37.47
C ILE B 51 13.48 -12.95 -38.37
N TRP B 52 14.44 -12.54 -39.19
CA TRP B 52 14.26 -11.34 -40.00
C TRP B 52 13.61 -11.66 -41.35
N SER B 53 13.31 -10.61 -42.11
CA SER B 53 12.64 -10.74 -43.40
C SER B 53 13.39 -11.66 -44.36
N GLY B 54 14.72 -11.59 -44.32
CA GLY B 54 15.57 -12.37 -45.22
C GLY B 54 15.84 -13.79 -44.72
N GLY B 55 15.34 -14.10 -43.53
CA GLY B 55 15.53 -15.44 -42.98
C GLY B 55 16.66 -15.55 -41.98
N ASN B 56 17.40 -14.46 -41.80
CA ASN B 56 18.46 -14.42 -40.79
C ASN B 56 17.89 -14.52 -39.39
N THR B 57 18.63 -15.18 -38.50
CA THR B 57 18.18 -15.35 -37.13
C THR B 57 19.19 -14.86 -36.10
N ASP B 58 18.68 -14.22 -35.05
CA ASP B 58 19.50 -13.84 -33.91
C ASP B 58 18.89 -14.50 -32.69
N TYR B 59 19.74 -15.17 -31.90
CA TYR B 59 19.27 -15.80 -30.68
C TYR B 59 19.97 -15.15 -29.49
N ASN B 60 19.23 -14.90 -28.42
CA ASN B 60 19.84 -14.39 -27.19
C ASN B 60 20.89 -15.37 -26.69
N THR B 61 21.97 -14.83 -26.11
CA THR B 61 23.12 -15.62 -25.66
C THR B 61 22.85 -16.95 -24.95
N PRO B 62 21.98 -16.97 -23.93
CA PRO B 62 21.77 -18.26 -23.23
C PRO B 62 21.01 -19.30 -24.06
N PHE B 63 20.48 -18.92 -25.21
CA PHE B 63 19.64 -19.84 -25.99
C PHE B 63 20.22 -20.17 -27.37
N THR B 64 21.45 -19.74 -27.63
CA THR B 64 22.05 -19.91 -28.95
C THR B 64 22.23 -21.36 -29.41
N SER B 65 22.20 -22.30 -28.48
CA SER B 65 22.47 -23.70 -28.82
C SER B 65 21.25 -24.63 -28.69
N ARG B 66 20.17 -24.12 -28.14
CA ARG B 66 18.98 -24.94 -27.96
C ARG B 66 17.71 -24.27 -28.49
N LEU B 67 17.86 -23.20 -29.25
CA LEU B 67 16.72 -22.50 -29.82
C LEU B 67 16.83 -22.39 -31.33
N SER B 68 15.74 -22.74 -32.02
CA SER B 68 15.72 -22.75 -33.47
C SER B 68 14.46 -22.05 -34.00
N ILE B 69 14.66 -21.02 -34.81
CA ILE B 69 13.52 -20.30 -35.39
C ILE B 69 13.52 -20.42 -36.91
N ASN B 70 12.39 -20.84 -37.47
CA ASN B 70 12.21 -20.95 -38.90
C ASN B 70 10.90 -20.31 -39.32
N LYS B 71 10.66 -20.23 -40.62
CA LYS B 71 9.42 -19.66 -41.11
C LYS B 71 9.05 -20.13 -42.52
N ASP B 72 7.79 -19.92 -42.88
CA ASP B 72 7.31 -20.18 -44.22
C ASP B 72 6.60 -18.91 -44.69
N ASN B 73 7.21 -18.22 -45.65
CA ASN B 73 6.70 -16.94 -46.10
C ASN B 73 5.33 -17.03 -46.75
N SER B 74 5.12 -18.05 -47.58
CA SER B 74 3.87 -18.20 -48.32
C SER B 74 2.69 -18.54 -47.41
N LYS B 75 2.97 -19.27 -46.33
CA LYS B 75 1.93 -19.65 -45.38
C LYS B 75 1.77 -18.65 -44.24
N SER B 76 2.59 -17.60 -44.26
CA SER B 76 2.60 -16.59 -43.19
C SER B 76 2.77 -17.22 -41.81
N GLN B 77 3.63 -18.23 -41.71
CA GLN B 77 3.86 -18.93 -40.45
C GLN B 77 5.30 -18.83 -39.98
N VAL B 78 5.48 -18.66 -38.67
CA VAL B 78 6.80 -18.70 -38.07
C VAL B 78 6.86 -19.88 -37.11
N PHE B 79 7.97 -20.62 -37.14
CA PHE B 79 8.10 -21.81 -36.32
C PHE B 79 9.16 -21.65 -35.23
N PHE B 80 8.73 -21.86 -33.99
CA PHE B 80 9.59 -21.73 -32.83
C PHE B 80 9.87 -23.12 -32.27
N LYS B 81 11.13 -23.40 -31.97
CA LYS B 81 11.50 -24.70 -31.41
C LYS B 81 12.67 -24.58 -30.44
N MET B 82 12.45 -25.02 -29.21
CA MET B 82 13.48 -24.99 -28.18
C MET B 82 13.75 -26.41 -27.66
N ASN B 83 15.01 -26.71 -27.37
CA ASN B 83 15.42 -28.06 -26.98
C ASN B 83 15.77 -28.20 -25.50
N SER B 84 15.71 -29.44 -25.01
CA SER B 84 16.07 -29.78 -23.63
C SER B 84 15.47 -28.85 -22.57
N LEU B 85 14.15 -28.91 -22.39
CA LEU B 85 13.47 -28.03 -21.46
C LEU B 85 13.55 -28.51 -20.01
N GLN B 86 13.74 -27.57 -19.09
CA GLN B 86 13.70 -27.87 -17.68
C GLN B 86 12.49 -27.18 -17.06
N SER B 87 12.21 -27.47 -15.79
CA SER B 87 11.00 -26.97 -15.14
C SER B 87 10.90 -25.44 -15.13
N ASN B 88 12.02 -24.75 -15.01
CA ASN B 88 12.00 -23.30 -14.96
C ASN B 88 11.88 -22.66 -16.34
N ASP B 89 11.69 -23.47 -17.37
CA ASP B 89 11.39 -22.97 -18.69
C ASP B 89 9.87 -22.84 -18.85
N THR B 90 9.15 -23.30 -17.85
CA THR B 90 7.70 -23.13 -17.78
C THR B 90 7.38 -21.64 -17.77
N ALA B 91 6.75 -21.17 -18.84
CA ALA B 91 6.47 -19.74 -19.00
C ALA B 91 5.45 -19.51 -20.10
N ILE B 92 5.04 -18.25 -20.25
CA ILE B 92 4.21 -17.86 -21.38
C ILE B 92 5.10 -17.36 -22.50
N TYR B 93 4.97 -17.98 -23.67
CA TYR B 93 5.80 -17.62 -24.82
C TYR B 93 4.98 -16.81 -25.82
N TYR B 94 5.50 -15.64 -26.16
CA TYR B 94 4.84 -14.77 -27.13
C TYR B 94 5.66 -14.66 -28.40
N CYS B 95 4.98 -14.49 -29.52
CA CYS B 95 5.63 -13.95 -30.71
C CYS B 95 5.23 -12.48 -30.82
N ALA B 96 6.06 -11.67 -31.45
CA ALA B 96 5.77 -10.24 -31.52
C ALA B 96 6.34 -9.57 -32.77
N ARG B 97 5.79 -8.41 -33.11
CA ARG B 97 6.25 -7.63 -34.25
C ARG B 97 6.50 -6.19 -33.84
N ALA B 98 7.59 -5.62 -34.32
CA ALA B 98 7.94 -4.24 -34.00
C ALA B 98 7.23 -3.25 -34.93
N LEU B 99 7.35 -1.96 -34.62
CA LEU B 99 6.72 -0.91 -35.41
C LEU B 99 7.32 -0.84 -36.80
N THR B 100 8.63 -1.02 -36.89
CA THR B 100 9.31 -1.02 -38.18
C THR B 100 10.08 -2.32 -38.39
N TYR B 101 10.52 -2.55 -39.61
CA TYR B 101 11.14 -3.81 -40.00
C TYR B 101 12.44 -4.13 -39.25
N TYR B 102 13.10 -3.09 -38.73
CA TYR B 102 14.43 -3.24 -38.16
C TYR B 102 14.47 -3.04 -36.65
N ASP B 103 13.36 -2.57 -36.08
CA ASP B 103 13.36 -2.10 -34.69
C ASP B 103 12.89 -3.15 -33.70
N TYR B 104 12.72 -2.74 -32.45
CA TYR B 104 12.45 -3.67 -31.35
C TYR B 104 11.38 -3.16 -30.39
N GLU B 105 10.63 -2.14 -30.81
CA GLU B 105 9.52 -1.69 -29.97
C GLU B 105 8.25 -2.45 -30.38
N PHE B 106 7.83 -3.37 -29.52
CA PHE B 106 6.81 -4.33 -29.89
C PHE B 106 5.39 -3.81 -29.74
N ALA B 107 4.76 -3.50 -30.87
CA ALA B 107 3.43 -2.94 -30.88
C ALA B 107 2.37 -4.02 -31.12
N TYR B 108 2.81 -5.17 -31.64
CA TYR B 108 1.90 -6.26 -31.97
C TYR B 108 2.35 -7.60 -31.40
N TRP B 109 1.54 -8.16 -30.51
CA TRP B 109 1.87 -9.41 -29.81
C TRP B 109 0.92 -10.55 -30.17
N GLY B 110 1.44 -11.77 -30.15
CA GLY B 110 0.60 -12.96 -30.18
C GLY B 110 -0.09 -13.11 -28.83
N GLN B 111 -1.16 -13.89 -28.80
CA GLN B 111 -1.92 -14.02 -27.57
C GLN B 111 -1.14 -14.75 -26.48
N GLY B 112 -0.09 -15.45 -26.84
CA GLY B 112 0.74 -16.16 -25.88
C GLY B 112 0.45 -17.65 -25.88
N THR B 113 1.47 -18.44 -25.54
CA THR B 113 1.36 -19.88 -25.42
C THR B 113 1.91 -20.28 -24.06
N LEU B 114 1.02 -20.67 -23.15
CA LEU B 114 1.43 -21.10 -21.82
C LEU B 114 1.97 -22.51 -21.87
N VAL B 115 3.28 -22.64 -21.70
CA VAL B 115 3.94 -23.93 -21.76
C VAL B 115 4.28 -24.42 -20.37
N THR B 116 3.86 -25.64 -20.06
CA THR B 116 4.14 -26.24 -18.77
C THR B 116 5.16 -27.37 -18.95
N VAL B 117 6.23 -27.32 -18.18
CA VAL B 117 7.24 -28.38 -18.23
C VAL B 117 7.13 -29.26 -16.99
N SER B 118 6.64 -30.48 -17.19
CA SER B 118 6.42 -31.41 -16.09
C SER B 118 6.36 -32.82 -16.65
N ALA B 119 6.62 -33.82 -15.81
CA ALA B 119 6.64 -35.20 -16.25
C ALA B 119 5.27 -35.87 -16.15
N ALA B 120 4.30 -35.12 -15.66
CA ALA B 120 2.96 -35.66 -15.42
C ALA B 120 2.15 -35.86 -16.70
N SER B 121 0.97 -36.45 -16.56
CA SER B 121 0.07 -36.67 -17.68
C SER B 121 -1.00 -35.58 -17.76
N THR B 122 -1.48 -35.34 -18.98
CA THR B 122 -2.57 -34.41 -19.18
C THR B 122 -3.87 -35.01 -18.67
N LYS B 123 -4.65 -34.21 -17.96
CA LYS B 123 -5.98 -34.61 -17.51
C LYS B 123 -7.01 -33.52 -17.80
N GLY B 124 -8.11 -33.91 -18.43
CA GLY B 124 -9.21 -33.00 -18.67
C GLY B 124 -10.06 -32.86 -17.42
N PRO B 125 -10.75 -31.72 -17.29
CA PRO B 125 -11.51 -31.38 -16.08
C PRO B 125 -12.91 -31.97 -16.05
N SER B 126 -13.45 -32.12 -14.84
CA SER B 126 -14.87 -32.36 -14.65
C SER B 126 -15.52 -31.01 -14.41
N VAL B 127 -16.71 -30.81 -14.96
CA VAL B 127 -17.42 -29.55 -14.77
C VAL B 127 -18.72 -29.74 -13.96
N PHE B 128 -18.81 -29.05 -12.84
CA PHE B 128 -19.98 -29.18 -11.97
C PHE B 128 -20.66 -27.83 -11.79
N PRO B 129 -22.00 -27.85 -11.71
CA PRO B 129 -22.72 -26.58 -11.60
C PRO B 129 -22.66 -26.03 -10.19
N LEU B 130 -22.55 -24.70 -10.09
CA LEU B 130 -22.81 -23.99 -8.85
C LEU B 130 -24.21 -23.41 -9.01
N ALA B 131 -25.20 -24.13 -8.47
CA ALA B 131 -26.59 -23.81 -8.71
C ALA B 131 -27.02 -22.59 -7.91
N PRO B 132 -27.84 -21.73 -8.51
CA PRO B 132 -28.42 -20.61 -7.79
C PRO B 132 -29.57 -21.05 -6.91
N SER B 133 -29.76 -20.37 -5.78
CA SER B 133 -30.88 -20.65 -4.89
C SER B 133 -31.20 -19.42 -4.06
N SER B 134 -31.86 -19.64 -2.92
CA SER B 134 -32.19 -18.55 -2.01
C SER B 134 -30.95 -18.12 -1.25
N LYS B 135 -29.93 -18.98 -1.24
CA LYS B 135 -28.71 -18.72 -0.49
C LYS B 135 -27.60 -18.19 -1.39
N SER B 136 -27.96 -17.97 -2.65
CA SER B 136 -27.10 -17.27 -3.60
C SER B 136 -27.87 -16.11 -4.20
N THR B 137 -28.94 -15.68 -3.53
CA THR B 137 -29.78 -14.58 -3.99
C THR B 137 -29.69 -13.40 -3.04
N SER B 138 -29.60 -12.19 -3.60
CA SER B 138 -29.46 -10.98 -2.80
C SER B 138 -30.02 -9.74 -3.51
N GLY B 139 -31.20 -9.30 -3.07
CA GLY B 139 -31.82 -8.09 -3.59
C GLY B 139 -32.21 -8.19 -5.06
N GLY B 140 -32.84 -9.30 -5.42
CA GLY B 140 -33.25 -9.53 -6.79
C GLY B 140 -32.11 -9.98 -7.70
N THR B 141 -30.94 -10.21 -7.11
CA THR B 141 -29.77 -10.64 -7.87
C THR B 141 -29.31 -12.02 -7.42
N ALA B 142 -29.11 -12.92 -8.39
CA ALA B 142 -28.70 -14.28 -8.07
C ALA B 142 -27.29 -14.59 -8.57
N ALA B 143 -26.54 -15.34 -7.79
CA ALA B 143 -25.21 -15.77 -8.20
C ALA B 143 -25.27 -17.24 -8.59
N LEU B 144 -24.51 -17.61 -9.62
CA LEU B 144 -24.42 -18.99 -10.08
C LEU B 144 -23.10 -19.18 -10.80
N GLY B 145 -22.69 -20.43 -10.98
CA GLY B 145 -21.39 -20.66 -11.59
C GLY B 145 -21.06 -22.09 -11.95
N CYS B 146 -19.82 -22.29 -12.39
CA CYS B 146 -19.30 -23.62 -12.72
C CYS B 146 -18.01 -23.91 -11.96
N LEU B 147 -17.95 -25.11 -11.38
CA LEU B 147 -16.73 -25.59 -10.76
C LEU B 147 -15.97 -26.44 -11.77
N VAL B 148 -14.76 -26.02 -12.11
CA VAL B 148 -13.94 -26.72 -13.10
C VAL B 148 -12.78 -27.41 -12.39
N LYS B 149 -12.96 -28.70 -12.11
CA LYS B 149 -12.13 -29.39 -11.14
C LYS B 149 -11.21 -30.48 -11.72
N ASP B 150 -10.01 -30.58 -11.15
CA ASP B 150 -9.08 -31.68 -11.41
C ASP B 150 -8.54 -31.78 -12.84
N TYR B 151 -7.94 -30.70 -13.32
CA TYR B 151 -7.32 -30.73 -14.64
C TYR B 151 -5.83 -30.42 -14.58
N PHE B 152 -5.13 -30.79 -15.64
CA PHE B 152 -3.72 -30.51 -15.78
C PHE B 152 -3.34 -30.63 -17.25
N PRO B 153 -2.53 -29.68 -17.75
CA PRO B 153 -2.07 -28.50 -17.02
C PRO B 153 -2.98 -27.30 -17.25
N GLU B 154 -2.58 -26.16 -16.70
CA GLU B 154 -3.19 -24.88 -17.06
C GLU B 154 -2.97 -24.66 -18.56
N PRO B 155 -3.84 -23.86 -19.20
CA PRO B 155 -5.01 -23.18 -18.64
C PRO B 155 -6.32 -23.75 -19.16
N VAL B 156 -7.42 -23.28 -18.59
CA VAL B 156 -8.74 -23.54 -19.15
C VAL B 156 -9.34 -22.20 -19.51
N THR B 157 -10.14 -22.17 -20.56
CA THR B 157 -10.91 -20.97 -20.85
C THR B 157 -12.34 -21.22 -20.45
N VAL B 158 -12.96 -20.20 -19.90
CA VAL B 158 -14.36 -20.28 -19.52
C VAL B 158 -15.04 -19.06 -20.10
N SER B 159 -16.15 -19.27 -20.78
CA SER B 159 -17.01 -18.17 -21.15
C SER B 159 -18.44 -18.54 -20.76
N TRP B 160 -19.36 -17.61 -20.93
CA TRP B 160 -20.76 -17.86 -20.62
C TRP B 160 -21.65 -17.56 -21.82
N ASN B 161 -22.52 -18.51 -22.14
CA ASN B 161 -23.46 -18.36 -23.24
C ASN B 161 -22.76 -17.97 -24.53
N SER B 162 -21.62 -18.62 -24.78
CA SER B 162 -20.82 -18.38 -25.97
C SER B 162 -20.43 -16.92 -26.14
N GLY B 163 -20.16 -16.23 -25.03
CA GLY B 163 -19.62 -14.89 -25.08
C GLY B 163 -20.66 -13.78 -25.01
N ALA B 164 -21.94 -14.15 -25.10
CA ALA B 164 -23.03 -13.17 -25.03
C ALA B 164 -23.28 -12.69 -23.62
N LEU B 165 -22.60 -13.30 -22.65
CA LEU B 165 -22.75 -12.93 -21.25
C LEU B 165 -21.37 -12.64 -20.64
N THR B 166 -21.10 -11.38 -20.33
CA THR B 166 -19.79 -10.98 -19.81
C THR B 166 -19.91 -10.12 -18.58
N SER B 167 -21.04 -9.42 -18.44
CA SER B 167 -21.26 -8.54 -17.31
C SER B 167 -21.46 -9.34 -16.02
N GLY B 168 -20.66 -9.02 -15.01
CA GLY B 168 -20.76 -9.68 -13.72
C GLY B 168 -20.08 -11.04 -13.64
N VAL B 169 -19.31 -11.38 -14.67
CA VAL B 169 -18.57 -12.63 -14.66
C VAL B 169 -17.21 -12.50 -13.94
N HIS B 170 -16.96 -13.39 -12.99
CA HIS B 170 -15.64 -13.55 -12.40
C HIS B 170 -15.19 -14.98 -12.59
N THR B 171 -14.10 -15.16 -13.33
CA THR B 171 -13.43 -16.45 -13.37
C THR B 171 -12.17 -16.39 -12.52
N PHE B 172 -12.19 -17.14 -11.42
CA PHE B 172 -11.10 -17.13 -10.46
C PHE B 172 -9.83 -17.79 -10.98
N PRO B 173 -8.67 -17.28 -10.53
CA PRO B 173 -7.38 -17.93 -10.83
C PRO B 173 -7.39 -19.38 -10.36
N ALA B 174 -6.79 -20.27 -11.13
CA ALA B 174 -6.67 -21.67 -10.73
C ALA B 174 -5.81 -21.81 -9.49
N VAL B 175 -6.16 -22.75 -8.61
CA VAL B 175 -5.28 -23.12 -7.53
C VAL B 175 -4.81 -24.56 -7.73
N LEU B 176 -3.61 -24.85 -7.26
CA LEU B 176 -3.04 -26.19 -7.38
C LEU B 176 -3.44 -27.00 -6.15
N GLN B 177 -4.07 -28.15 -6.37
CA GLN B 177 -4.47 -29.02 -5.27
C GLN B 177 -3.34 -29.98 -4.92
N SER B 178 -3.46 -30.64 -3.77
CA SER B 178 -2.42 -31.55 -3.29
C SER B 178 -2.22 -32.72 -4.25
N SER B 179 -3.28 -33.03 -5.00
CA SER B 179 -3.23 -34.11 -5.98
C SER B 179 -2.31 -33.75 -7.14
N GLY B 180 -1.97 -32.48 -7.27
CA GLY B 180 -1.13 -32.02 -8.35
C GLY B 180 -1.96 -31.56 -9.54
N LEU B 181 -3.28 -31.55 -9.36
CA LEU B 181 -4.20 -31.10 -10.38
C LEU B 181 -4.76 -29.72 -10.01
N TYR B 182 -5.09 -28.92 -11.02
CA TYR B 182 -5.68 -27.60 -10.80
C TYR B 182 -7.19 -27.66 -10.63
N SER B 183 -7.74 -26.56 -10.13
CA SER B 183 -9.16 -26.44 -9.92
C SER B 183 -9.53 -24.97 -9.93
N LEU B 184 -10.74 -24.67 -10.39
CA LEU B 184 -11.13 -23.29 -10.64
C LEU B 184 -12.65 -23.17 -10.65
N SER B 185 -13.14 -22.00 -10.26
CA SER B 185 -14.56 -21.69 -10.38
C SER B 185 -14.78 -20.43 -11.19
N SER B 186 -15.91 -20.37 -11.87
CA SER B 186 -16.33 -19.18 -12.60
C SER B 186 -17.74 -18.83 -12.18
N VAL B 187 -17.96 -17.60 -11.75
CA VAL B 187 -19.28 -17.18 -11.32
C VAL B 187 -19.80 -16.00 -12.10
N VAL B 188 -21.11 -15.80 -12.03
CA VAL B 188 -21.73 -14.65 -12.64
C VAL B 188 -22.97 -14.29 -11.84
N THR B 189 -23.25 -13.01 -11.71
CA THR B 189 -24.48 -12.56 -11.07
C THR B 189 -25.48 -12.11 -12.14
N VAL B 190 -26.72 -12.57 -12.01
CA VAL B 190 -27.78 -12.23 -12.94
C VAL B 190 -29.02 -11.85 -12.13
N PRO B 191 -30.00 -11.21 -12.77
CA PRO B 191 -31.26 -10.98 -12.04
C PRO B 191 -31.93 -12.30 -11.74
N SER B 192 -32.43 -12.47 -10.52
CA SER B 192 -33.08 -13.72 -10.15
C SER B 192 -34.35 -14.00 -10.96
N SER B 193 -34.97 -12.94 -11.48
CA SER B 193 -36.20 -13.10 -12.28
C SER B 193 -35.91 -13.60 -13.70
N SER B 194 -34.64 -13.70 -14.05
CA SER B 194 -34.27 -14.20 -15.37
C SER B 194 -34.02 -15.71 -15.37
N LEU B 195 -33.94 -16.31 -14.19
CA LEU B 195 -33.63 -17.73 -14.07
C LEU B 195 -34.70 -18.60 -14.71
N GLY B 196 -35.91 -18.07 -14.82
CA GLY B 196 -37.02 -18.80 -15.38
C GLY B 196 -37.10 -18.78 -16.90
N THR B 197 -36.49 -17.77 -17.52
CA THR B 197 -36.61 -17.61 -18.97
C THR B 197 -35.28 -17.64 -19.74
N GLN B 198 -34.19 -17.38 -19.03
CA GLN B 198 -32.86 -17.38 -19.65
C GLN B 198 -32.14 -18.69 -19.34
N THR B 199 -31.42 -19.21 -20.32
CA THR B 199 -30.58 -20.38 -20.09
C THR B 199 -29.14 -19.94 -19.85
N TYR B 200 -28.52 -20.48 -18.81
CA TYR B 200 -27.13 -20.09 -18.51
C TYR B 200 -26.17 -21.26 -18.67
N ILE B 201 -25.21 -21.08 -19.57
CA ILE B 201 -24.27 -22.13 -19.90
C ILE B 201 -22.85 -21.65 -19.73
N CYS B 202 -22.05 -22.38 -18.96
CA CYS B 202 -20.63 -22.11 -18.95
C CYS B 202 -19.93 -22.96 -20.02
N ASN B 203 -19.16 -22.29 -20.86
CA ASN B 203 -18.42 -22.96 -21.92
C ASN B 203 -16.99 -23.21 -21.47
N VAL B 204 -16.71 -24.47 -21.16
CA VAL B 204 -15.39 -24.84 -20.65
C VAL B 204 -14.57 -25.48 -21.74
N ASN B 205 -13.34 -25.01 -21.91
CA ASN B 205 -12.45 -25.56 -22.91
C ASN B 205 -11.05 -25.76 -22.35
N HIS B 206 -10.63 -27.01 -22.26
CA HIS B 206 -9.27 -27.34 -21.85
C HIS B 206 -8.49 -27.88 -23.05
N LYS B 207 -7.88 -26.96 -23.81
CA LYS B 207 -7.14 -27.30 -25.03
C LYS B 207 -6.09 -28.42 -24.91
N PRO B 208 -5.27 -28.43 -23.84
CA PRO B 208 -4.27 -29.50 -23.72
C PRO B 208 -4.85 -30.92 -23.76
N SER B 209 -6.08 -31.10 -23.31
CA SER B 209 -6.70 -32.42 -23.31
C SER B 209 -7.78 -32.52 -24.38
N ASN B 210 -7.97 -31.45 -25.15
CA ASN B 210 -9.05 -31.37 -26.14
C ASN B 210 -10.42 -31.67 -25.53
N THR B 211 -10.67 -31.13 -24.35
CA THR B 211 -11.92 -31.31 -23.65
C THR B 211 -12.77 -30.05 -23.76
N LYS B 212 -13.91 -30.16 -24.41
CA LYS B 212 -14.86 -29.05 -24.54
C LYS B 212 -16.19 -29.45 -23.93
N VAL B 213 -16.62 -28.70 -22.92
CA VAL B 213 -17.84 -29.01 -22.20
C VAL B 213 -18.70 -27.76 -22.07
N ASP B 214 -19.97 -27.88 -22.43
CA ASP B 214 -20.92 -26.82 -22.14
C ASP B 214 -21.82 -27.31 -21.02
N LYS B 215 -21.79 -26.58 -19.91
CA LYS B 215 -22.56 -26.97 -18.73
C LYS B 215 -23.67 -25.98 -18.46
N ARG B 216 -24.92 -26.44 -18.53
CA ARG B 216 -26.04 -25.58 -18.15
C ARG B 216 -26.22 -25.57 -16.65
N VAL B 217 -26.35 -24.37 -16.10
CA VAL B 217 -26.56 -24.22 -14.66
C VAL B 217 -27.96 -23.70 -14.38
N GLU B 218 -28.69 -24.42 -13.53
CA GLU B 218 -30.07 -24.08 -13.23
C GLU B 218 -30.36 -24.30 -11.75
N PRO B 219 -31.39 -23.61 -11.21
CA PRO B 219 -31.79 -23.82 -9.81
C PRO B 219 -32.19 -25.28 -9.58
N LYS B 220 -31.91 -25.80 -8.39
CA LYS B 220 -32.04 -27.23 -8.15
C LYS B 220 -33.30 -27.69 -7.41
N ASP C 1 7.52 30.57 -8.90
CA ASP C 1 8.60 29.88 -8.21
C ASP C 1 8.75 28.45 -8.73
N ILE C 2 9.92 27.85 -8.45
CA ILE C 2 10.21 26.49 -8.88
C ILE C 2 9.30 25.47 -8.18
N LEU C 3 8.62 24.65 -8.97
CA LEU C 3 7.78 23.60 -8.42
C LEU C 3 8.52 22.26 -8.36
N LEU C 4 8.62 21.71 -7.17
CA LEU C 4 9.24 20.41 -6.99
C LEU C 4 8.18 19.34 -6.76
N THR C 5 8.18 18.34 -7.63
CA THR C 5 7.24 17.23 -7.55
C THR C 5 7.96 15.98 -7.09
N GLN C 6 7.55 15.44 -5.94
CA GLN C 6 8.13 14.21 -5.43
C GLN C 6 7.20 13.01 -5.64
N SER C 7 7.79 11.89 -6.06
CA SER C 7 7.04 10.67 -6.28
C SER C 7 7.87 9.48 -5.81
N PRO C 8 7.19 8.42 -5.32
CA PRO C 8 5.74 8.40 -5.11
C PRO C 8 5.38 9.15 -3.84
N VAL C 9 4.09 9.37 -3.62
CA VAL C 9 3.64 10.02 -2.40
C VAL C 9 3.97 9.13 -1.22
N ILE C 10 3.68 7.84 -1.38
CA ILE C 10 3.96 6.87 -0.34
C ILE C 10 4.86 5.77 -0.89
N LEU C 11 5.97 5.53 -0.22
CA LEU C 11 6.94 4.55 -0.68
C LEU C 11 7.02 3.39 0.30
N SER C 12 6.55 2.23 -0.16
CA SER C 12 6.45 1.05 0.70
C SER C 12 7.46 0.00 0.27
N VAL C 13 8.39 -0.34 1.15
CA VAL C 13 9.47 -1.26 0.79
C VAL C 13 9.77 -2.30 1.87
N SER C 14 10.74 -3.17 1.58
CA SER C 14 11.17 -4.21 2.52
C SER C 14 12.56 -3.90 3.06
N PRO C 15 12.84 -4.32 4.31
CA PRO C 15 14.15 -4.06 4.91
C PRO C 15 15.29 -4.76 4.17
N GLY C 16 16.32 -4.01 3.82
CA GLY C 16 17.44 -4.56 3.09
C GLY C 16 17.39 -4.20 1.62
N GLU C 17 16.23 -3.75 1.15
CA GLU C 17 16.09 -3.36 -0.24
C GLU C 17 16.75 -2.03 -0.53
N ARG C 18 17.15 -1.83 -1.78
CA ARG C 18 17.62 -0.52 -2.23
C ARG C 18 16.37 0.31 -2.49
N VAL C 19 16.46 1.60 -2.18
CA VAL C 19 15.29 2.47 -2.26
C VAL C 19 15.62 3.80 -2.94
N SER C 20 14.72 4.25 -3.80
CA SER C 20 14.93 5.50 -4.51
C SER C 20 13.74 6.45 -4.40
N PHE C 21 14.02 7.68 -3.97
CA PHE C 21 13.01 8.73 -3.93
C PHE C 21 13.20 9.64 -5.13
N SER C 22 12.10 10.01 -5.78
CA SER C 22 12.17 10.86 -6.96
C SER C 22 11.78 12.31 -6.67
N CYS C 23 12.54 13.24 -7.22
CA CYS C 23 12.23 14.67 -7.15
C CYS C 23 12.43 15.32 -8.51
N ARG C 24 11.33 15.76 -9.13
CA ARG C 24 11.40 16.41 -10.43
C ARG C 24 11.13 17.91 -10.31
N ALA C 25 12.01 18.71 -10.89
CA ALA C 25 11.87 20.16 -10.88
C ALA C 25 11.12 20.66 -12.11
N SER C 26 10.38 21.76 -11.96
CA SER C 26 9.60 22.31 -13.05
C SER C 26 10.48 22.84 -14.17
N GLN C 27 11.75 23.10 -13.84
CA GLN C 27 12.75 23.48 -14.83
C GLN C 27 14.14 23.16 -14.33
N SER C 28 15.14 23.40 -15.17
CA SER C 28 16.51 23.07 -14.81
C SER C 28 17.02 23.90 -13.63
N ILE C 29 17.65 23.21 -12.69
CA ILE C 29 18.23 23.85 -11.51
C ILE C 29 19.63 23.31 -11.27
N GLY C 30 20.25 22.80 -12.34
CA GLY C 30 21.59 22.25 -12.28
C GLY C 30 21.71 21.13 -11.27
N THR C 31 22.46 21.37 -10.19
CA THR C 31 22.60 20.40 -9.11
C THR C 31 22.25 21.03 -7.76
N ASN C 32 21.49 22.11 -7.78
CA ASN C 32 21.17 22.83 -6.55
C ASN C 32 19.99 22.21 -5.79
N ILE C 33 20.16 20.93 -5.43
CA ILE C 33 19.14 20.18 -4.71
C ILE C 33 19.68 19.71 -3.37
N HIS C 34 18.89 19.88 -2.31
CA HIS C 34 19.25 19.35 -0.99
C HIS C 34 18.13 18.44 -0.47
N TRP C 35 18.50 17.40 0.26
CA TRP C 35 17.52 16.45 0.78
C TRP C 35 17.44 16.48 2.30
N TYR C 36 16.24 16.23 2.83
CA TYR C 36 15.99 16.27 4.27
C TYR C 36 15.18 15.09 4.77
N GLN C 37 15.47 14.68 5.98
CA GLN C 37 14.68 13.64 6.64
C GLN C 37 13.94 14.20 7.83
N GLN C 38 12.66 13.90 7.94
CA GLN C 38 11.90 14.26 9.12
C GLN C 38 11.28 13.04 9.76
N ARG C 39 11.74 12.73 10.97
CA ARG C 39 11.19 11.65 11.75
C ARG C 39 10.04 12.17 12.60
N THR C 40 9.30 11.24 13.19
CA THR C 40 8.16 11.59 14.04
C THR C 40 8.57 12.53 15.17
N ASN C 41 7.83 13.62 15.33
CA ASN C 41 8.11 14.66 16.32
C ASN C 41 9.49 15.31 16.18
N GLY C 42 10.09 15.20 15.01
CA GLY C 42 11.39 15.78 14.76
C GLY C 42 11.37 16.97 13.82
N SER C 43 12.48 17.70 13.80
CA SER C 43 12.69 18.78 12.85
C SER C 43 13.40 18.17 11.64
N PRO C 44 13.40 18.87 10.49
CA PRO C 44 14.13 18.37 9.32
C PRO C 44 15.62 18.13 9.59
N ARG C 45 16.15 17.07 8.99
CA ARG C 45 17.56 16.69 9.15
C ARG C 45 18.20 16.62 7.77
N LEU C 46 19.22 17.46 7.55
CA LEU C 46 19.92 17.53 6.26
C LEU C 46 20.70 16.25 5.97
N LEU C 47 20.47 15.67 4.80
CA LEU C 47 21.10 14.40 4.42
C LEU C 47 22.14 14.55 3.32
N ILE C 48 21.74 15.22 2.24
CA ILE C 48 22.57 15.38 1.06
C ILE C 48 22.49 16.83 0.60
N LYS C 49 23.63 17.42 0.26
CA LYS C 49 23.67 18.77 -0.27
C LYS C 49 24.20 18.80 -1.71
N TYR C 50 23.59 19.65 -2.54
CA TYR C 50 23.99 19.80 -3.93
C TYR C 50 23.98 18.48 -4.69
N ALA C 51 22.84 17.78 -4.60
CA ALA C 51 22.56 16.52 -5.32
C ALA C 51 23.25 15.26 -4.79
N SER C 52 24.57 15.30 -4.63
CA SER C 52 25.34 14.08 -4.36
C SER C 52 26.28 14.13 -3.16
N GLU C 53 26.54 15.33 -2.65
CA GLU C 53 27.58 15.51 -1.63
C GLU C 53 27.12 15.10 -0.23
N SER C 54 27.97 14.37 0.47
CA SER C 54 27.61 13.82 1.78
C SER C 54 27.69 14.87 2.90
N ILE C 55 26.97 14.59 3.98
CA ILE C 55 26.94 15.47 5.15
C ILE C 55 27.57 14.75 6.33
N SER C 56 28.38 15.46 7.11
CA SER C 56 29.06 14.87 8.24
C SER C 56 28.08 14.39 9.31
N GLY C 57 28.12 13.11 9.63
CA GLY C 57 27.27 12.54 10.65
C GLY C 57 26.15 11.68 10.10
N ILE C 58 26.03 11.65 8.78
CA ILE C 58 24.98 10.91 8.10
C ILE C 58 25.48 9.53 7.68
N PRO C 59 24.71 8.47 7.99
CA PRO C 59 25.01 7.09 7.60
C PRO C 59 25.39 6.97 6.12
N SER C 60 26.39 6.14 5.84
CA SER C 60 26.93 6.01 4.49
C SER C 60 25.92 5.46 3.49
N ARG C 61 24.86 4.85 3.99
CA ARG C 61 23.86 4.22 3.13
C ARG C 61 23.04 5.24 2.33
N PHE C 62 23.09 6.50 2.76
CA PHE C 62 22.41 7.57 2.06
C PHE C 62 23.29 8.12 0.93
N SER C 63 22.73 8.19 -0.27
CA SER C 63 23.41 8.83 -1.39
C SER C 63 22.40 9.59 -2.24
N GLY C 64 22.89 10.53 -3.04
CA GLY C 64 22.05 11.23 -3.98
C GLY C 64 22.71 11.36 -5.35
N SER C 65 21.90 11.60 -6.38
CA SER C 65 22.43 11.79 -7.73
C SER C 65 21.45 12.55 -8.62
N GLY C 66 21.88 12.86 -9.84
CA GLY C 66 21.05 13.58 -10.78
C GLY C 66 21.51 15.00 -11.06
N SER C 67 21.01 15.56 -12.16
CA SER C 67 21.29 16.94 -12.52
C SER C 67 20.25 17.42 -13.53
N GLY C 68 20.01 18.73 -13.55
CA GLY C 68 19.03 19.30 -14.45
C GLY C 68 17.67 19.41 -13.79
N THR C 69 16.81 18.42 -14.03
CA THR C 69 15.43 18.44 -13.51
C THR C 69 15.08 17.17 -12.74
N ASP C 70 15.80 16.10 -12.99
CA ASP C 70 15.51 14.81 -12.36
C ASP C 70 16.54 14.46 -11.29
N PHE C 71 16.08 14.27 -10.06
CA PHE C 71 16.97 14.00 -8.93
C PHE C 71 16.54 12.78 -8.14
N THR C 72 17.50 12.15 -7.48
CA THR C 72 17.25 10.89 -6.79
C THR C 72 17.99 10.81 -5.46
N LEU C 73 17.25 10.41 -4.42
CA LEU C 73 17.85 10.10 -3.13
C LEU C 73 17.81 8.59 -3.00
N SER C 74 18.95 7.98 -2.72
CA SER C 74 19.02 6.53 -2.65
C SER C 74 19.41 6.03 -1.27
N ILE C 75 18.88 4.87 -0.91
CA ILE C 75 19.30 4.14 0.28
C ILE C 75 19.56 2.68 -0.13
N ASN C 76 20.82 2.25 -0.04
CA ASN C 76 21.21 0.93 -0.54
C ASN C 76 20.59 -0.25 0.22
N SER C 77 20.48 -0.10 1.54
CA SER C 77 19.87 -1.13 2.37
C SER C 77 19.06 -0.48 3.48
N VAL C 78 17.74 -0.52 3.34
CA VAL C 78 16.85 0.24 4.22
C VAL C 78 16.57 -0.46 5.53
N GLU C 79 16.79 0.27 6.63
CA GLU C 79 16.54 -0.24 7.96
C GLU C 79 15.27 0.38 8.53
N SER C 80 14.79 -0.16 9.64
CA SER C 80 13.55 0.31 10.25
C SER C 80 13.67 1.72 10.83
N GLU C 81 14.90 2.15 11.13
CA GLU C 81 15.11 3.50 11.65
C GLU C 81 15.10 4.54 10.53
N ASP C 82 14.86 4.09 9.30
CA ASP C 82 14.78 4.99 8.15
C ASP C 82 13.37 5.49 7.95
N ILE C 83 12.43 4.93 8.72
CA ILE C 83 11.04 5.35 8.65
C ILE C 83 10.94 6.83 8.96
N ALA C 84 10.46 7.59 7.97
CA ALA C 84 10.41 9.05 8.06
C ALA C 84 9.78 9.63 6.80
N ASP C 85 9.63 10.94 6.77
CA ASP C 85 9.26 11.63 5.54
C ASP C 85 10.52 12.23 4.94
N TYR C 86 10.55 12.32 3.61
CA TYR C 86 11.75 12.81 2.95
C TYR C 86 11.43 13.94 1.98
N TYR C 87 12.11 15.07 2.17
CA TYR C 87 11.85 16.26 1.37
C TYR C 87 13.05 16.67 0.54
N CYS C 88 12.78 17.20 -0.65
CA CYS C 88 13.83 17.80 -1.46
C CYS C 88 13.69 19.32 -1.48
N GLN C 89 14.81 20.02 -1.63
CA GLN C 89 14.84 21.48 -1.63
C GLN C 89 15.70 22.00 -2.76
N GLN C 90 15.18 22.95 -3.53
CA GLN C 90 15.95 23.59 -4.59
C GLN C 90 16.37 24.99 -4.15
N ASN C 91 17.54 25.42 -4.61
CA ASN C 91 18.00 26.78 -4.35
C ASN C 91 18.78 27.36 -5.52
N ASN C 92 18.34 27.04 -6.74
CA ASN C 92 18.92 27.67 -7.92
C ASN C 92 18.18 28.97 -8.25
N ASN C 93 16.92 29.04 -7.85
CA ASN C 93 16.08 30.21 -8.07
C ASN C 93 15.47 30.71 -6.77
N TRP C 94 15.43 32.02 -6.60
CA TRP C 94 14.82 32.62 -5.42
C TRP C 94 13.30 32.71 -5.60
N PRO C 95 12.54 32.37 -4.55
CA PRO C 95 13.04 31.91 -3.26
C PRO C 95 13.22 30.40 -3.23
N THR C 96 13.98 29.91 -2.25
CA THR C 96 14.16 28.48 -2.08
C THR C 96 12.79 27.82 -1.80
N THR C 97 12.56 26.68 -2.44
CA THR C 97 11.29 25.98 -2.30
C THR C 97 11.50 24.50 -1.97
N PHE C 98 10.46 23.85 -1.45
CA PHE C 98 10.56 22.45 -1.03
C PHE C 98 9.54 21.58 -1.75
N GLY C 99 9.84 20.29 -1.88
CA GLY C 99 8.88 19.33 -2.39
C GLY C 99 7.82 19.01 -1.34
N ALA C 100 6.76 18.34 -1.76
CA ALA C 100 5.66 17.98 -0.86
C ALA C 100 5.99 16.75 -0.01
N GLY C 101 7.05 16.04 -0.40
CA GLY C 101 7.55 14.96 0.42
C GLY C 101 7.11 13.57 0.01
N THR C 102 7.94 12.58 0.35
CA THR C 102 7.58 11.18 0.17
C THR C 102 7.65 10.49 1.53
N LYS C 103 6.59 9.77 1.89
CA LYS C 103 6.57 9.02 3.13
C LYS C 103 7.13 7.62 2.91
N LEU C 104 8.15 7.26 3.69
CA LEU C 104 8.74 5.93 3.58
C LEU C 104 8.13 4.97 4.60
N GLU C 105 7.44 3.95 4.10
CA GLU C 105 6.82 2.95 4.97
C GLU C 105 7.53 1.62 4.78
N LEU C 106 7.70 0.87 5.87
CA LEU C 106 8.38 -0.41 5.79
C LEU C 106 7.43 -1.59 5.93
N LYS C 107 7.74 -2.66 5.22
CA LYS C 107 6.96 -3.88 5.31
C LYS C 107 7.65 -4.87 6.24
N ARG C 108 6.85 -5.64 6.96
CA ARG C 108 7.36 -6.68 7.83
C ARG C 108 6.32 -7.78 7.90
N THR C 109 6.60 -8.83 8.66
CA THR C 109 5.66 -9.93 8.79
C THR C 109 4.43 -9.46 9.55
N VAL C 110 3.33 -10.20 9.40
CA VAL C 110 2.11 -9.94 10.13
C VAL C 110 2.33 -10.17 11.62
N ALA C 111 1.85 -9.24 12.44
CA ALA C 111 1.93 -9.39 13.90
C ALA C 111 0.59 -9.03 14.55
N ALA C 112 -0.02 -10.00 15.20
CA ALA C 112 -1.27 -9.77 15.90
C ALA C 112 -1.07 -8.78 17.05
N PRO C 113 -2.08 -7.94 17.32
CA PRO C 113 -2.00 -6.99 18.43
C PRO C 113 -2.20 -7.66 19.78
N SER C 114 -1.52 -7.16 20.80
CA SER C 114 -1.89 -7.45 22.16
C SER C 114 -2.97 -6.46 22.55
N VAL C 115 -4.05 -6.96 23.15
CA VAL C 115 -5.19 -6.12 23.51
C VAL C 115 -5.30 -5.95 25.02
N PHE C 116 -5.48 -4.70 25.44
CA PHE C 116 -5.69 -4.40 26.85
C PHE C 116 -6.88 -3.44 27.01
N ILE C 117 -7.67 -3.64 28.05
CA ILE C 117 -8.77 -2.72 28.34
C ILE C 117 -8.54 -2.02 29.68
N PHE C 118 -8.98 -0.77 29.77
CA PHE C 118 -8.81 0.03 30.99
C PHE C 118 -10.15 0.66 31.39
N PRO C 119 -10.66 0.30 32.57
CA PRO C 119 -11.85 1.00 33.06
C PRO C 119 -11.55 2.47 33.39
N PRO C 120 -12.58 3.31 33.41
CA PRO C 120 -12.42 4.70 33.85
C PRO C 120 -12.01 4.76 35.31
N SER C 121 -11.31 5.82 35.70
CA SER C 121 -10.91 5.98 37.08
C SER C 121 -12.05 6.60 37.87
N ASP C 122 -12.03 6.38 39.18
CA ASP C 122 -12.97 7.03 40.07
C ASP C 122 -12.80 8.55 40.01
N GLU C 123 -11.55 8.98 39.86
CA GLU C 123 -11.24 10.41 39.77
C GLU C 123 -11.95 11.06 38.59
N GLN C 124 -12.06 10.35 37.48
CA GLN C 124 -12.75 10.89 36.32
C GLN C 124 -14.27 10.85 36.51
N LEU C 125 -14.73 9.79 37.17
CA LEU C 125 -16.15 9.58 37.37
C LEU C 125 -16.78 10.73 38.15
N LYS C 126 -16.04 11.27 39.10
CA LYS C 126 -16.49 12.39 39.91
C LYS C 126 -16.87 13.61 39.05
N SER C 127 -16.30 13.70 37.85
CA SER C 127 -16.53 14.84 36.99
C SER C 127 -17.71 14.65 36.03
N GLY C 128 -18.40 13.51 36.14
CA GLY C 128 -19.59 13.28 35.34
C GLY C 128 -19.35 12.62 33.98
N THR C 129 -18.13 12.14 33.78
CA THR C 129 -17.74 11.54 32.51
C THR C 129 -16.94 10.26 32.77
N ALA C 130 -17.14 9.27 31.92
CA ALA C 130 -16.37 8.03 31.99
C ALA C 130 -15.69 7.76 30.64
N SER C 131 -14.37 7.64 30.66
CA SER C 131 -13.64 7.23 29.47
C SER C 131 -13.22 5.77 29.61
N VAL C 132 -13.50 4.97 28.59
CA VAL C 132 -13.05 3.58 28.56
C VAL C 132 -12.06 3.42 27.42
N VAL C 133 -10.90 2.86 27.72
CA VAL C 133 -9.79 2.81 26.77
C VAL C 133 -9.45 1.36 26.44
N CYS C 134 -9.28 1.08 25.15
CA CYS C 134 -8.91 -0.23 24.63
C CYS C 134 -7.63 -0.06 23.81
N LEU C 135 -6.58 -0.79 24.20
CA LEU C 135 -5.25 -0.62 23.63
C LEU C 135 -4.87 -1.81 22.76
N LEU C 136 -4.44 -1.53 21.54
CA LEU C 136 -3.90 -2.53 20.63
C LEU C 136 -2.42 -2.24 20.44
N ASN C 137 -1.57 -3.17 20.89
CA ASN C 137 -0.14 -2.91 21.03
C ASN C 137 0.66 -3.72 20.03
N ASN C 138 1.54 -3.04 19.30
CA ASN C 138 2.58 -3.65 18.46
C ASN C 138 2.00 -4.67 17.49
N PHE C 139 1.36 -4.15 16.44
CA PHE C 139 0.73 -4.99 15.42
C PHE C 139 1.09 -4.49 14.04
N TYR C 140 0.98 -5.40 13.07
CA TYR C 140 1.18 -5.09 11.66
C TYR C 140 0.33 -6.06 10.83
N PRO C 141 -0.32 -5.56 9.77
CA PRO C 141 -0.30 -4.18 9.28
C PRO C 141 -1.19 -3.23 10.09
N ARG C 142 -1.20 -1.96 9.66
CA ARG C 142 -1.83 -0.86 10.38
C ARG C 142 -3.34 -1.01 10.53
N GLU C 143 -3.99 -1.64 9.57
CA GLU C 143 -5.46 -1.76 9.59
C GLU C 143 -5.98 -2.70 10.68
N ALA C 144 -6.84 -2.16 11.54
CA ALA C 144 -7.42 -2.91 12.64
C ALA C 144 -8.81 -2.41 12.92
N LYS C 145 -9.65 -3.29 13.44
CA LYS C 145 -11.04 -2.93 13.72
C LYS C 145 -11.35 -3.13 15.19
N VAL C 146 -11.79 -2.05 15.84
CA VAL C 146 -12.17 -2.10 17.24
C VAL C 146 -13.67 -1.82 17.36
N GLN C 147 -14.39 -2.70 18.04
CA GLN C 147 -15.80 -2.46 18.29
C GLN C 147 -16.09 -2.47 19.78
N TRP C 148 -16.86 -1.49 20.24
CA TRP C 148 -17.25 -1.42 21.63
C TRP C 148 -18.63 -2.02 21.84
N LYS C 149 -18.79 -2.76 22.93
CA LYS C 149 -20.07 -3.32 23.31
C LYS C 149 -20.32 -3.07 24.79
N VAL C 150 -21.47 -2.47 25.09
CA VAL C 150 -21.87 -2.20 26.46
C VAL C 150 -23.14 -3.00 26.70
N ASP C 151 -23.07 -3.97 27.62
CA ASP C 151 -24.14 -4.94 27.84
C ASP C 151 -24.64 -5.52 26.51
N ASN C 152 -23.68 -5.92 25.67
CA ASN C 152 -23.94 -6.52 24.36
C ASN C 152 -24.55 -5.59 23.31
N ALA C 153 -24.61 -4.29 23.61
CA ALA C 153 -25.09 -3.32 22.64
C ALA C 153 -23.90 -2.67 21.94
N LEU C 154 -23.89 -2.73 20.61
CA LEU C 154 -22.81 -2.14 19.82
C LEU C 154 -22.86 -0.62 19.91
N GLN C 155 -21.73 -0.01 20.25
CA GLN C 155 -21.65 1.45 20.33
C GLN C 155 -21.31 2.01 18.96
N SER C 156 -21.88 3.16 18.64
CA SER C 156 -21.54 3.86 17.40
C SER C 156 -21.53 5.37 17.62
N GLY C 157 -20.44 6.02 17.25
CA GLY C 157 -20.36 7.48 17.28
C GLY C 157 -19.86 8.09 18.59
N ASN C 158 -19.56 7.26 19.58
CA ASN C 158 -19.06 7.75 20.87
C ASN C 158 -17.65 7.22 21.20
N SER C 159 -16.90 6.88 20.16
CA SER C 159 -15.52 6.45 20.34
C SER C 159 -14.60 7.19 19.38
N GLN C 160 -13.34 7.33 19.77
CA GLN C 160 -12.32 7.89 18.88
C GLN C 160 -11.03 7.08 18.93
N GLU C 161 -10.41 6.89 17.78
CA GLU C 161 -9.18 6.13 17.69
C GLU C 161 -7.98 7.01 17.38
N SER C 162 -6.82 6.57 17.86
CA SER C 162 -5.56 7.22 17.54
C SER C 162 -4.53 6.12 17.28
N VAL C 163 -3.69 6.34 16.27
CA VAL C 163 -2.71 5.35 15.86
C VAL C 163 -1.35 6.01 15.84
N THR C 164 -0.35 5.37 16.44
CA THR C 164 1.02 5.89 16.40
C THR C 164 1.59 5.78 14.99
N GLU C 165 2.68 6.50 14.76
CA GLU C 165 3.46 6.32 13.53
C GLU C 165 4.20 4.99 13.62
N GLN C 166 4.67 4.49 12.48
CA GLN C 166 5.32 3.18 12.46
C GLN C 166 6.56 3.18 13.34
N ASP C 167 6.67 2.17 14.18
CA ASP C 167 7.74 2.08 15.17
C ASP C 167 9.11 1.88 14.51
N SER C 168 10.06 2.74 14.81
CA SER C 168 11.34 2.73 14.11
C SER C 168 12.24 1.57 14.51
N LYS C 169 11.82 0.81 15.52
CA LYS C 169 12.60 -0.33 16.00
C LYS C 169 12.11 -1.67 15.44
N ASP C 170 10.79 -1.91 15.48
CA ASP C 170 10.24 -3.18 15.01
C ASP C 170 9.23 -3.06 13.86
N SER C 171 9.02 -1.83 13.39
CA SER C 171 8.13 -1.54 12.26
C SER C 171 6.63 -1.79 12.50
N THR C 172 6.22 -1.84 13.76
CA THR C 172 4.82 -2.08 14.10
C THR C 172 4.06 -0.79 14.41
N TYR C 173 2.76 -0.93 14.62
CA TYR C 173 1.92 0.20 14.99
C TYR C 173 1.27 -0.07 16.35
N SER C 174 0.80 0.98 16.99
CA SER C 174 -0.08 0.82 18.14
C SER C 174 -1.31 1.70 17.99
N LEU C 175 -2.43 1.23 18.52
CA LEU C 175 -3.70 1.95 18.43
C LEU C 175 -4.39 2.00 19.80
N SER C 176 -4.94 3.17 20.12
CA SER C 176 -5.82 3.29 21.27
C SER C 176 -7.21 3.67 20.79
N SER C 177 -8.23 3.04 21.37
CA SER C 177 -9.60 3.44 21.12
C SER C 177 -10.19 3.91 22.43
N THR C 178 -10.85 5.08 22.41
CA THR C 178 -11.45 5.63 23.61
C THR C 178 -12.97 5.78 23.48
N LEU C 179 -13.70 5.06 24.33
CA LEU C 179 -15.15 5.18 24.41
C LEU C 179 -15.52 6.22 25.48
N THR C 180 -16.30 7.23 25.11
CA THR C 180 -16.67 8.27 26.07
C THR C 180 -18.17 8.23 26.38
N LEU C 181 -18.49 7.98 27.65
CA LEU C 181 -19.88 7.91 28.09
C LEU C 181 -20.12 8.89 29.22
N SER C 182 -21.39 9.22 29.45
CA SER C 182 -21.76 9.98 30.63
C SER C 182 -21.62 9.06 31.84
N LYS C 183 -21.39 9.63 33.01
CA LYS C 183 -21.30 8.85 34.24
C LYS C 183 -22.58 8.04 34.46
N ALA C 184 -23.72 8.68 34.22
CA ALA C 184 -25.02 8.02 34.42
C ALA C 184 -25.15 6.80 33.53
N ASP C 185 -24.81 6.96 32.26
CA ASP C 185 -24.80 5.86 31.31
C ASP C 185 -23.88 4.74 31.80
N TYR C 186 -22.65 5.10 32.17
CA TYR C 186 -21.67 4.12 32.63
C TYR C 186 -22.18 3.31 33.84
N GLU C 187 -22.79 3.98 34.82
CA GLU C 187 -23.35 3.29 35.98
C GLU C 187 -24.55 2.40 35.65
N LYS C 188 -25.30 2.75 34.60
CA LYS C 188 -26.49 1.99 34.21
C LYS C 188 -26.18 0.61 33.62
N HIS C 189 -24.94 0.38 33.23
CA HIS C 189 -24.60 -0.87 32.55
C HIS C 189 -23.46 -1.62 33.23
N LYS C 190 -23.27 -2.87 32.84
CA LYS C 190 -22.36 -3.75 33.59
C LYS C 190 -21.17 -4.27 32.81
N VAL C 191 -21.43 -4.89 31.66
CA VAL C 191 -20.39 -5.53 30.88
C VAL C 191 -19.80 -4.58 29.84
N TYR C 192 -18.52 -4.28 29.98
CA TYR C 192 -17.83 -3.40 29.04
C TYR C 192 -16.79 -4.18 28.27
N ALA C 193 -16.94 -4.23 26.95
CA ALA C 193 -16.09 -5.07 26.12
C ALA C 193 -15.61 -4.32 24.90
N CYS C 194 -14.33 -4.56 24.53
CA CYS C 194 -13.87 -4.16 23.20
C CYS C 194 -13.42 -5.35 22.39
N GLU C 195 -13.90 -5.44 21.16
CA GLU C 195 -13.63 -6.57 20.29
C GLU C 195 -12.79 -6.13 19.11
N VAL C 196 -11.72 -6.89 18.85
CA VAL C 196 -10.71 -6.56 17.86
C VAL C 196 -10.65 -7.60 16.75
N THR C 197 -10.68 -7.15 15.50
CA THR C 197 -10.36 -8.01 14.38
C THR C 197 -9.14 -7.45 13.67
N HIS C 198 -8.28 -8.34 13.16
CA HIS C 198 -7.03 -7.94 12.55
C HIS C 198 -6.53 -9.10 11.71
N GLN C 199 -5.76 -8.82 10.67
CA GLN C 199 -5.25 -9.86 9.77
C GLN C 199 -4.47 -10.94 10.52
N GLY C 200 -3.82 -10.56 11.61
CA GLY C 200 -3.06 -11.51 12.40
C GLY C 200 -3.89 -12.32 13.36
N LEU C 201 -5.20 -12.14 13.32
CA LEU C 201 -6.08 -12.89 14.20
C LEU C 201 -7.02 -13.78 13.40
N SER C 202 -7.04 -15.06 13.75
CA SER C 202 -7.93 -16.01 13.09
C SER C 202 -9.38 -15.76 13.50
N SER C 203 -9.60 -15.48 14.79
CA SER C 203 -10.91 -15.07 15.28
C SER C 203 -10.77 -13.80 16.12
N PRO C 204 -11.86 -13.01 16.25
CA PRO C 204 -11.80 -11.75 16.99
C PRO C 204 -11.41 -11.93 18.46
N VAL C 205 -10.55 -11.05 18.95
CA VAL C 205 -10.18 -11.06 20.36
C VAL C 205 -11.06 -10.08 21.13
N THR C 206 -11.64 -10.55 22.23
CA THR C 206 -12.46 -9.69 23.07
C THR C 206 -11.88 -9.55 24.47
N LYS C 207 -11.60 -8.30 24.87
CA LYS C 207 -11.19 -8.01 26.23
C LYS C 207 -12.33 -7.26 26.92
N SER C 208 -12.73 -7.73 28.09
CA SER C 208 -13.88 -7.13 28.75
C SER C 208 -13.70 -7.04 30.25
N PHE C 209 -14.58 -6.29 30.89
CA PHE C 209 -14.60 -6.23 32.34
C PHE C 209 -16.01 -5.91 32.80
N ASN C 210 -16.27 -6.16 34.09
CA ASN C 210 -17.55 -5.82 34.69
C ASN C 210 -17.39 -4.66 35.66
N ARG C 211 -18.25 -3.66 35.52
CA ARG C 211 -18.21 -2.51 36.41
C ARG C 211 -18.51 -2.95 37.84
N GLY C 212 -17.71 -2.47 38.79
CA GLY C 212 -17.87 -2.83 40.18
C GLY C 212 -16.90 -3.91 40.61
N ALA C 213 -16.81 -4.97 39.80
CA ALA C 213 -15.92 -6.08 40.08
C ALA C 213 -14.46 -5.66 39.96
N GLN D 1 28.82 23.02 20.74
CA GLN D 1 27.69 22.45 20.03
C GLN D 1 26.72 23.51 19.53
N VAL D 2 26.48 23.53 18.22
CA VAL D 2 25.53 24.45 17.61
C VAL D 2 24.10 24.08 17.97
N GLN D 3 23.36 25.03 18.54
CA GLN D 3 21.99 24.79 18.97
C GLN D 3 21.10 26.02 18.79
N LEU D 4 19.87 25.79 18.33
CA LEU D 4 18.87 26.84 18.23
C LEU D 4 17.68 26.44 19.09
N LYS D 5 17.32 27.30 20.04
CA LYS D 5 16.25 27.00 20.99
C LYS D 5 15.18 28.09 20.94
N GLN D 6 13.99 27.68 20.53
CA GLN D 6 12.88 28.63 20.33
C GLN D 6 11.99 28.74 21.55
N SER D 7 11.26 29.85 21.65
CA SER D 7 10.28 30.04 22.71
C SER D 7 9.12 29.06 22.55
N GLY D 8 8.45 28.76 23.67
CA GLY D 8 7.43 27.72 23.69
C GLY D 8 6.21 27.94 22.81
N PRO D 9 5.38 26.88 22.68
CA PRO D 9 4.15 26.92 21.87
C PRO D 9 3.08 27.79 22.53
N GLY D 10 2.01 28.09 21.79
CA GLY D 10 0.96 28.92 22.31
C GLY D 10 -0.13 29.29 21.30
N LEU D 11 -1.15 29.96 21.82
CA LEU D 11 -2.34 30.29 21.05
C LEU D 11 -2.30 31.75 20.58
N VAL D 12 -2.73 31.97 19.35
CA VAL D 12 -2.83 33.32 18.79
C VAL D 12 -4.25 33.60 18.31
N GLN D 13 -4.85 34.70 18.79
CA GLN D 13 -6.17 35.09 18.34
C GLN D 13 -6.09 35.52 16.87
N PRO D 14 -7.15 35.22 16.10
CA PRO D 14 -7.22 35.60 14.68
C PRO D 14 -6.95 37.09 14.46
N SER D 15 -6.23 37.41 13.39
CA SER D 15 -5.85 38.77 13.02
C SER D 15 -4.90 39.47 14.01
N GLN D 16 -4.53 38.76 15.08
CA GLN D 16 -3.55 39.30 16.01
C GLN D 16 -2.14 38.88 15.58
N SER D 17 -1.13 39.22 16.38
CA SER D 17 0.25 38.96 15.98
C SER D 17 0.84 37.69 16.59
N LEU D 18 2.02 37.32 16.10
CA LEU D 18 2.74 36.12 16.55
C LEU D 18 4.20 36.45 16.80
N SER D 19 4.73 36.06 17.97
CA SER D 19 6.11 36.37 18.31
C SER D 19 6.92 35.19 18.85
N ILE D 20 8.02 34.89 18.19
CA ILE D 20 8.89 33.77 18.56
C ILE D 20 10.33 34.25 18.73
N THR D 21 11.00 33.78 19.77
CA THR D 21 12.40 34.11 20.02
C THR D 21 13.27 32.88 19.80
N CYS D 22 14.31 33.03 18.98
CA CYS D 22 15.26 31.96 18.67
C CYS D 22 16.60 32.33 19.30
N THR D 23 16.95 31.65 20.39
CA THR D 23 18.21 31.86 21.09
C THR D 23 19.22 30.84 20.59
N VAL D 24 20.39 31.32 20.16
CA VAL D 24 21.40 30.43 19.59
C VAL D 24 22.62 30.28 20.48
N SER D 25 23.35 29.18 20.27
CA SER D 25 24.62 28.94 20.95
C SER D 25 25.49 28.02 20.08
N GLY D 26 26.80 28.14 20.23
CA GLY D 26 27.71 27.33 19.44
C GLY D 26 28.22 28.08 18.22
N PHE D 27 27.69 29.28 18.03
CA PHE D 27 28.10 30.15 16.92
C PHE D 27 27.62 31.57 17.16
N SER D 28 28.16 32.52 16.41
CA SER D 28 27.84 33.92 16.62
C SER D 28 26.88 34.46 15.56
N LEU D 29 25.90 35.24 16.00
CA LEU D 29 24.94 35.85 15.08
C LEU D 29 25.59 36.83 14.11
N THR D 30 26.79 37.31 14.45
CA THR D 30 27.51 38.21 13.55
C THR D 30 28.26 37.46 12.45
N ASN D 31 28.25 36.13 12.52
CA ASN D 31 28.92 35.32 11.51
C ASN D 31 27.98 34.49 10.64
N TYR D 32 26.72 34.38 11.06
CA TYR D 32 25.75 33.57 10.33
C TYR D 32 24.38 34.22 10.25
N GLY D 33 23.69 33.99 9.14
CA GLY D 33 22.31 34.40 9.01
C GLY D 33 21.39 33.37 9.62
N VAL D 34 20.29 33.82 10.19
CA VAL D 34 19.28 32.90 10.71
C VAL D 34 18.04 32.96 9.83
N HIS D 35 17.61 31.79 9.35
CA HIS D 35 16.46 31.70 8.47
C HIS D 35 15.23 31.27 9.26
N TRP D 36 14.06 31.45 8.67
CA TRP D 36 12.82 31.04 9.31
C TRP D 36 11.95 30.26 8.34
N VAL D 37 11.52 29.07 8.77
CA VAL D 37 10.74 28.17 7.93
C VAL D 37 9.49 27.72 8.70
N ARG D 38 8.36 27.62 8.00
CA ARG D 38 7.16 27.08 8.61
C ARG D 38 6.66 25.83 7.89
N GLN D 39 5.93 24.99 8.60
CA GLN D 39 5.43 23.75 8.04
C GLN D 39 3.93 23.63 8.31
N SER D 40 3.12 23.88 7.29
CA SER D 40 1.67 23.85 7.43
C SER D 40 1.08 22.64 6.72
N PRO D 41 -0.12 22.23 7.13
CA PRO D 41 -0.84 21.15 6.44
C PRO D 41 -1.12 21.46 4.97
N GLY D 42 -1.47 22.70 4.68
CA GLY D 42 -1.87 23.09 3.33
C GLY D 42 -0.72 23.34 2.36
N LYS D 43 0.37 23.92 2.84
CA LYS D 43 1.46 24.34 1.95
C LYS D 43 2.77 23.62 2.21
N GLY D 44 2.80 22.76 3.22
CA GLY D 44 4.00 22.03 3.58
C GLY D 44 5.13 22.95 4.05
N LEU D 45 6.37 22.58 3.73
CA LEU D 45 7.53 23.38 4.10
C LEU D 45 7.61 24.67 3.28
N GLU D 46 7.76 25.79 3.96
CA GLU D 46 7.64 27.10 3.33
C GLU D 46 8.66 28.10 3.89
N TRP D 47 9.68 28.43 3.10
CA TRP D 47 10.69 29.40 3.51
C TRP D 47 10.06 30.79 3.67
N LEU D 48 10.18 31.37 4.86
CA LEU D 48 9.55 32.65 5.16
C LEU D 48 10.50 33.83 5.03
N GLY D 49 11.67 33.73 5.66
CA GLY D 49 12.61 34.85 5.66
C GLY D 49 13.95 34.54 6.29
N VAL D 50 14.83 35.53 6.28
CA VAL D 50 16.17 35.38 6.80
C VAL D 50 16.70 36.72 7.29
N ILE D 51 17.37 36.71 8.44
CA ILE D 51 18.13 37.88 8.86
C ILE D 51 19.64 37.56 8.79
N TRP D 52 20.37 38.36 8.05
CA TRP D 52 21.78 38.08 7.78
C TRP D 52 22.72 38.65 8.85
N SER D 53 24.00 38.32 8.74
CA SER D 53 25.03 38.73 9.70
C SER D 53 24.98 40.22 10.06
N GLY D 54 24.90 41.07 9.05
CA GLY D 54 24.95 42.51 9.26
C GLY D 54 23.60 43.17 9.47
N GLY D 55 22.57 42.38 9.78
CA GLY D 55 21.27 42.94 10.11
C GLY D 55 20.30 43.08 8.96
N ASN D 56 20.76 42.83 7.73
CA ASN D 56 19.87 42.87 6.57
C ASN D 56 18.82 41.75 6.62
N THR D 57 17.65 42.02 6.05
CA THR D 57 16.58 41.03 6.03
C THR D 57 16.02 40.80 4.62
N ASP D 58 15.65 39.56 4.34
CA ASP D 58 14.94 39.21 3.12
C ASP D 58 13.71 38.40 3.50
N TYR D 59 12.55 38.79 2.98
CA TYR D 59 11.32 38.06 3.23
C TYR D 59 10.77 37.50 1.94
N ASN D 60 10.26 36.27 2.00
CA ASN D 60 9.58 35.68 0.86
C ASN D 60 8.41 36.57 0.46
N THR D 61 8.18 36.69 -0.85
CA THR D 61 7.23 37.65 -1.42
C THR D 61 5.85 37.75 -0.73
N PRO D 62 5.15 36.63 -0.50
CA PRO D 62 3.83 36.76 0.10
C PRO D 62 3.85 37.08 1.60
N PHE D 63 4.99 37.51 2.13
CA PHE D 63 5.10 37.82 3.56
C PHE D 63 5.77 39.17 3.79
N THR D 64 6.18 39.81 2.70
CA THR D 64 6.90 41.09 2.78
C THR D 64 6.18 42.16 3.60
N SER D 65 4.86 42.13 3.57
CA SER D 65 4.09 43.20 4.19
C SER D 65 3.60 42.90 5.61
N ARG D 66 3.84 41.68 6.10
CA ARG D 66 3.40 41.34 7.44
C ARG D 66 4.40 40.49 8.22
N LEU D 67 5.66 40.57 7.84
CA LEU D 67 6.70 39.84 8.53
C LEU D 67 7.89 40.74 8.87
N SER D 68 8.39 40.62 10.08
CA SER D 68 9.55 41.40 10.52
C SER D 68 10.48 40.55 11.37
N ILE D 69 11.75 40.52 11.00
CA ILE D 69 12.74 39.75 11.73
C ILE D 69 13.83 40.68 12.26
N ASN D 70 14.01 40.68 13.58
CA ASN D 70 15.03 41.48 14.23
C ASN D 70 15.93 40.60 15.07
N LYS D 71 17.02 41.15 15.58
CA LYS D 71 17.93 40.37 16.40
C LYS D 71 18.76 41.20 17.37
N ASP D 72 19.28 40.53 18.40
CA ASP D 72 20.18 41.13 19.36
C ASP D 72 21.45 40.29 19.37
N ASN D 73 22.50 40.80 18.74
CA ASN D 73 23.76 40.06 18.61
C ASN D 73 24.38 39.68 19.94
N SER D 74 24.31 40.60 20.91
CA SER D 74 24.95 40.40 22.21
C SER D 74 24.27 39.30 23.01
N LYS D 75 22.96 39.16 22.86
CA LYS D 75 22.20 38.16 23.59
C LYS D 75 22.00 36.87 22.79
N SER D 76 22.60 36.83 21.60
CA SER D 76 22.44 35.69 20.68
C SER D 76 20.97 35.35 20.43
N GLN D 77 20.15 36.39 20.31
CA GLN D 77 18.72 36.21 20.13
C GLN D 77 18.23 36.70 18.77
N VAL D 78 17.27 35.97 18.20
CA VAL D 78 16.60 36.39 16.97
C VAL D 78 15.10 36.46 17.22
N PHE D 79 14.49 37.56 16.79
CA PHE D 79 13.08 37.81 17.06
C PHE D 79 12.24 37.76 15.79
N PHE D 80 11.19 36.94 15.83
CA PHE D 80 10.31 36.74 14.69
C PHE D 80 8.93 37.26 15.05
N LYS D 81 8.40 38.14 14.20
CA LYS D 81 7.05 38.66 14.40
C LYS D 81 6.26 38.72 13.10
N MET D 82 5.04 38.18 13.15
CA MET D 82 4.15 38.19 11.99
C MET D 82 2.80 38.78 12.37
N ASN D 83 2.24 39.62 11.49
CA ASN D 83 1.01 40.33 11.78
C ASN D 83 -0.23 39.65 11.20
N SER D 84 -1.39 40.00 11.77
CA SER D 84 -2.70 39.58 11.27
C SER D 84 -2.78 38.13 10.78
N LEU D 85 -2.69 37.19 11.72
CA LEU D 85 -2.71 35.78 11.40
C LEU D 85 -4.12 35.27 11.12
N GLN D 86 -4.24 34.33 10.19
CA GLN D 86 -5.50 33.66 9.97
C GLN D 86 -5.35 32.18 10.31
N SER D 87 -6.46 31.44 10.33
CA SER D 87 -6.43 30.05 10.75
C SER D 87 -5.47 29.20 9.93
N ASN D 88 -5.31 29.52 8.64
CA ASN D 88 -4.37 28.77 7.82
C ASN D 88 -2.90 29.16 8.06
N ASP D 89 -2.68 30.05 9.02
CA ASP D 89 -1.32 30.34 9.48
C ASP D 89 -0.95 29.44 10.66
N THR D 90 -1.87 28.54 11.01
CA THR D 90 -1.59 27.52 12.03
C THR D 90 -0.61 26.51 11.46
N ALA D 91 0.57 26.43 12.09
CA ALA D 91 1.64 25.58 11.60
C ALA D 91 2.78 25.54 12.61
N ILE D 92 3.83 24.81 12.27
CA ILE D 92 5.03 24.78 13.07
C ILE D 92 6.08 25.70 12.46
N TYR D 93 6.60 26.59 13.29
CA TYR D 93 7.61 27.55 12.84
C TYR D 93 8.99 27.18 13.38
N TYR D 94 9.97 27.12 12.46
CA TYR D 94 11.35 26.81 12.80
C TYR D 94 12.24 28.01 12.51
N CYS D 95 13.28 28.17 13.33
CA CYS D 95 14.44 28.92 12.94
C CYS D 95 15.54 27.93 12.53
N ALA D 96 16.42 28.39 11.63
CA ALA D 96 17.41 27.48 11.06
C ALA D 96 18.67 28.25 10.71
N ARG D 97 19.78 27.53 10.65
CA ARG D 97 21.08 28.06 10.23
C ARG D 97 21.67 27.20 9.12
N ALA D 98 22.35 27.84 8.15
CA ALA D 98 22.96 27.09 7.06
C ALA D 98 24.39 26.66 7.38
N LEU D 99 24.93 25.77 6.53
CA LEU D 99 26.32 25.32 6.66
C LEU D 99 27.29 26.50 6.55
N THR D 100 27.09 27.32 5.53
CA THR D 100 27.91 28.51 5.35
C THR D 100 27.11 29.76 5.68
N TYR D 101 27.81 30.87 5.87
CA TYR D 101 27.16 32.13 6.24
C TYR D 101 26.20 32.65 5.18
N TYR D 102 26.43 32.29 3.92
CA TYR D 102 25.71 32.86 2.80
C TYR D 102 24.68 31.89 2.19
N ASP D 103 24.83 30.60 2.49
CA ASP D 103 24.07 29.57 1.77
C ASP D 103 22.72 29.25 2.40
N TYR D 104 22.03 28.26 1.83
CA TYR D 104 20.67 27.94 2.25
C TYR D 104 20.46 26.45 2.53
N GLU D 105 21.54 25.69 2.70
CA GLU D 105 21.38 24.31 3.12
C GLU D 105 21.33 24.26 4.64
N PHE D 106 20.14 23.98 5.17
CA PHE D 106 19.89 24.10 6.61
C PHE D 106 20.33 22.88 7.41
N ALA D 107 21.55 22.93 7.92
CA ALA D 107 22.14 21.83 8.67
C ALA D 107 21.73 21.89 10.15
N TYR D 108 21.20 23.03 10.58
CA TYR D 108 20.82 23.19 11.98
C TYR D 108 19.45 23.85 12.10
N TRP D 109 18.58 23.24 12.90
CA TRP D 109 17.21 23.72 13.07
C TRP D 109 16.86 23.92 14.54
N GLY D 110 15.90 24.80 14.80
CA GLY D 110 15.29 24.88 16.11
C GLY D 110 14.39 23.67 16.33
N GLN D 111 13.87 23.52 17.54
CA GLN D 111 12.97 22.40 17.80
C GLN D 111 11.56 22.65 17.29
N GLY D 112 11.28 23.85 16.81
CA GLY D 112 9.96 24.18 16.30
C GLY D 112 9.05 24.75 17.37
N THR D 113 8.11 25.58 16.94
CA THR D 113 7.11 26.17 17.82
C THR D 113 5.75 25.99 17.16
N LEU D 114 4.91 25.15 17.76
CA LEU D 114 3.58 24.90 17.22
C LEU D 114 2.64 26.06 17.54
N VAL D 115 2.24 26.79 16.49
CA VAL D 115 1.38 27.94 16.65
C VAL D 115 -0.04 27.61 16.20
N THR D 116 -1.00 27.83 17.08
CA THR D 116 -2.40 27.61 16.74
C THR D 116 -3.12 28.95 16.64
N VAL D 117 -3.79 29.16 15.53
CA VAL D 117 -4.58 30.36 15.34
C VAL D 117 -6.05 30.02 15.52
N SER D 118 -6.59 30.34 16.69
CA SER D 118 -7.98 30.05 17.00
C SER D 118 -8.52 31.13 17.93
N ALA D 119 -9.84 31.30 17.92
CA ALA D 119 -10.49 32.28 18.80
C ALA D 119 -10.79 31.66 20.16
N ALA D 120 -10.61 30.34 20.25
CA ALA D 120 -10.88 29.62 21.48
C ALA D 120 -9.96 30.05 22.63
N SER D 121 -10.26 29.55 23.82
CA SER D 121 -9.46 29.87 25.01
C SER D 121 -8.52 28.72 25.37
N THR D 122 -7.49 29.04 26.13
CA THR D 122 -6.55 28.04 26.60
C THR D 122 -7.11 27.29 27.80
N LYS D 123 -7.09 25.97 27.74
CA LYS D 123 -7.48 25.14 28.87
C LYS D 123 -6.42 24.07 29.13
N GLY D 124 -6.05 23.90 30.40
CA GLY D 124 -5.13 22.85 30.80
C GLY D 124 -5.87 21.53 30.91
N PRO D 125 -5.13 20.42 30.76
CA PRO D 125 -5.73 19.08 30.74
C PRO D 125 -6.01 18.53 32.14
N SER D 126 -6.88 17.54 32.20
CA SER D 126 -7.00 16.66 33.36
C SER D 126 -6.18 15.40 33.04
N VAL D 127 -5.51 14.85 34.05
CA VAL D 127 -4.70 13.65 33.86
C VAL D 127 -5.25 12.51 34.71
N PHE D 128 -5.66 11.43 34.04
CA PHE D 128 -6.27 10.30 34.72
C PHE D 128 -5.43 9.05 34.54
N PRO D 129 -5.40 8.17 35.56
CA PRO D 129 -4.62 6.93 35.46
C PRO D 129 -5.29 5.93 34.54
N LEU D 130 -4.50 5.29 33.68
CA LEU D 130 -4.96 4.12 32.97
C LEU D 130 -4.38 2.90 33.71
N ALA D 131 -5.09 2.53 34.77
CA ALA D 131 -4.61 1.57 35.76
C ALA D 131 -4.38 0.16 35.21
N PRO D 132 -3.20 -0.41 35.50
CA PRO D 132 -2.90 -1.80 35.16
C PRO D 132 -3.72 -2.77 36.00
N SER D 133 -4.09 -3.90 35.43
CA SER D 133 -4.89 -4.90 36.13
C SER D 133 -4.66 -6.30 35.55
N SER D 134 -5.55 -7.22 35.87
CA SER D 134 -5.46 -8.56 35.30
C SER D 134 -5.94 -8.60 33.84
N LYS D 135 -6.53 -7.50 33.38
CA LYS D 135 -7.06 -7.41 32.02
C LYS D 135 -6.19 -6.53 31.14
N SER D 136 -5.21 -5.89 31.76
CA SER D 136 -4.14 -5.23 31.02
C SER D 136 -2.87 -6.04 31.23
N THR D 137 -3.03 -7.36 31.31
CA THR D 137 -1.92 -8.27 31.59
C THR D 137 -1.87 -9.43 30.58
N SER D 138 -0.69 -9.66 30.01
CA SER D 138 -0.48 -10.73 29.04
C SER D 138 1.00 -11.09 28.93
N GLY D 139 1.32 -12.36 29.16
CA GLY D 139 2.69 -12.82 29.06
C GLY D 139 3.58 -12.31 30.17
N GLY D 140 3.01 -12.18 31.37
CA GLY D 140 3.71 -11.62 32.50
C GLY D 140 3.97 -10.13 32.33
N THR D 141 3.31 -9.54 31.35
CA THR D 141 3.50 -8.13 31.01
C THR D 141 2.21 -7.36 31.28
N ALA D 142 2.34 -6.26 32.00
CA ALA D 142 1.20 -5.40 32.23
C ALA D 142 1.32 -4.11 31.41
N ALA D 143 0.18 -3.57 31.00
CA ALA D 143 0.10 -2.28 30.35
C ALA D 143 -0.51 -1.27 31.31
N LEU D 144 0.02 -0.04 31.30
CA LEU D 144 -0.52 1.04 32.12
C LEU D 144 -0.26 2.35 31.37
N GLY D 145 -0.94 3.41 31.81
CA GLY D 145 -0.76 4.66 31.11
C GLY D 145 -1.49 5.81 31.77
N CYS D 146 -1.51 6.94 31.05
CA CYS D 146 -2.13 8.18 31.47
C CYS D 146 -3.06 8.76 30.40
N LEU D 147 -4.27 9.11 30.80
CA LEU D 147 -5.21 9.75 29.90
C LEU D 147 -5.18 11.26 30.11
N VAL D 148 -4.72 11.97 29.08
CA VAL D 148 -4.55 13.40 29.17
C VAL D 148 -5.69 14.05 28.40
N LYS D 149 -6.73 14.43 29.14
CA LYS D 149 -8.01 14.78 28.56
C LYS D 149 -8.38 16.27 28.65
N ASP D 150 -9.03 16.78 27.61
CA ASP D 150 -9.66 18.11 27.59
C ASP D 150 -8.72 19.29 27.73
N TYR D 151 -7.77 19.41 26.81
CA TYR D 151 -6.86 20.54 26.82
C TYR D 151 -6.87 21.27 25.48
N PHE D 152 -6.39 22.50 25.50
CA PHE D 152 -6.29 23.32 24.31
C PHE D 152 -5.38 24.50 24.60
N PRO D 153 -4.46 24.82 23.68
CA PRO D 153 -4.28 24.09 22.42
C PRO D 153 -3.21 23.01 22.54
N GLU D 154 -2.87 22.41 21.41
CA GLU D 154 -1.71 21.53 21.34
C GLU D 154 -0.45 22.36 21.53
N PRO D 155 0.66 21.71 21.97
CA PRO D 155 0.78 20.30 22.31
C PRO D 155 0.94 20.08 23.81
N VAL D 156 0.97 18.81 24.21
CA VAL D 156 1.41 18.42 25.54
C VAL D 156 2.60 17.49 25.37
N THR D 157 3.53 17.51 26.32
CA THR D 157 4.60 16.53 26.33
C THR D 157 4.32 15.51 27.42
N VAL D 158 4.71 14.26 27.14
CA VAL D 158 4.56 13.21 28.15
C VAL D 158 5.84 12.39 28.19
N SER D 159 6.37 12.23 29.39
CA SER D 159 7.50 11.34 29.58
C SER D 159 7.14 10.43 30.74
N TRP D 160 7.95 9.41 30.98
CA TRP D 160 7.73 8.51 32.09
C TRP D 160 8.94 8.48 33.03
N ASN D 161 8.67 8.57 34.33
CA ASN D 161 9.72 8.54 35.35
C ASN D 161 10.87 9.51 35.05
N SER D 162 10.52 10.76 34.79
CA SER D 162 11.47 11.82 34.47
C SER D 162 12.47 11.48 33.36
N GLY D 163 12.03 10.69 32.39
CA GLY D 163 12.87 10.33 31.27
C GLY D 163 13.61 9.02 31.45
N ALA D 164 13.56 8.45 32.64
CA ALA D 164 14.24 7.18 32.91
C ALA D 164 13.60 6.01 32.18
N LEU D 165 12.31 6.13 31.89
CA LEU D 165 11.58 5.04 31.25
C LEU D 165 11.11 5.42 29.84
N THR D 166 11.68 4.78 28.84
CA THR D 166 11.37 5.08 27.45
C THR D 166 11.04 3.81 26.68
N SER D 167 11.61 2.69 27.11
CA SER D 167 11.39 1.41 26.44
C SER D 167 9.92 0.99 26.54
N GLY D 168 9.29 0.81 25.37
CA GLY D 168 7.91 0.39 25.32
C GLY D 168 6.89 1.47 25.64
N VAL D 169 7.31 2.73 25.54
CA VAL D 169 6.38 3.84 25.69
C VAL D 169 5.72 4.16 24.34
N HIS D 170 4.40 4.26 24.33
CA HIS D 170 3.69 4.80 23.18
C HIS D 170 2.88 6.00 23.61
N THR D 171 3.19 7.15 23.06
CA THR D 171 2.36 8.32 23.28
C THR D 171 1.57 8.59 22.02
N PHE D 172 0.26 8.41 22.13
CA PHE D 172 -0.61 8.52 20.96
C PHE D 172 -0.80 9.96 20.50
N PRO D 173 -0.97 10.14 19.18
CA PRO D 173 -1.32 11.45 18.63
C PRO D 173 -2.62 11.95 19.26
N ALA D 174 -2.67 13.25 19.55
CA ALA D 174 -3.86 13.87 20.10
C ALA D 174 -5.01 13.78 19.11
N VAL D 175 -6.22 13.60 19.63
CA VAL D 175 -7.40 13.64 18.79
C VAL D 175 -8.26 14.83 19.20
N LEU D 176 -8.83 15.50 18.22
CA LEU D 176 -9.72 16.62 18.49
C LEU D 176 -11.12 16.07 18.79
N GLN D 177 -11.63 16.38 19.97
CA GLN D 177 -12.97 15.96 20.35
C GLN D 177 -13.98 16.95 19.77
N SER D 178 -15.26 16.59 19.76
CA SER D 178 -16.25 17.49 19.19
C SER D 178 -16.51 18.68 20.10
N SER D 179 -15.94 18.64 21.30
CA SER D 179 -16.01 19.76 22.22
C SER D 179 -15.04 20.85 21.79
N GLY D 180 -14.18 20.52 20.83
CA GLY D 180 -13.13 21.44 20.43
C GLY D 180 -11.90 21.36 21.31
N LEU D 181 -11.88 20.41 22.25
CA LEU D 181 -10.72 20.19 23.11
C LEU D 181 -9.99 18.92 22.68
N TYR D 182 -8.67 18.87 22.90
CA TYR D 182 -7.89 17.70 22.55
C TYR D 182 -7.84 16.68 23.68
N SER D 183 -7.60 15.43 23.32
CA SER D 183 -7.42 14.37 24.29
C SER D 183 -6.34 13.43 23.80
N LEU D 184 -5.59 12.85 24.73
CA LEU D 184 -4.43 12.07 24.37
C LEU D 184 -4.18 10.99 25.43
N SER D 185 -3.56 9.88 25.00
CA SER D 185 -3.13 8.86 25.94
C SER D 185 -1.68 8.48 25.70
N SER D 186 -1.02 8.08 26.78
CA SER D 186 0.34 7.58 26.72
C SER D 186 0.38 6.28 27.49
N VAL D 187 0.87 5.21 26.86
CA VAL D 187 0.95 3.92 27.54
C VAL D 187 2.36 3.36 27.59
N VAL D 188 2.56 2.38 28.47
CA VAL D 188 3.84 1.70 28.60
C VAL D 188 3.59 0.27 29.08
N THR D 189 4.39 -0.66 28.62
CA THR D 189 4.29 -2.04 29.06
C THR D 189 5.46 -2.40 29.97
N VAL D 190 5.14 -3.00 31.11
CA VAL D 190 6.15 -3.35 32.11
C VAL D 190 5.89 -4.76 32.64
N PRO D 191 6.94 -5.40 33.20
CA PRO D 191 6.74 -6.69 33.85
C PRO D 191 5.72 -6.57 34.98
N SER D 192 4.75 -7.49 35.01
CA SER D 192 3.71 -7.51 36.04
C SER D 192 4.27 -7.51 37.44
N SER D 193 5.40 -8.17 37.67
CA SER D 193 5.94 -8.34 39.01
C SER D 193 6.65 -7.09 39.53
N SER D 194 6.81 -6.05 38.72
CA SER D 194 7.41 -4.81 39.16
C SER D 194 6.39 -3.80 39.67
N LEU D 195 5.10 -4.13 39.61
CA LEU D 195 4.07 -3.16 39.98
C LEU D 195 4.01 -2.90 41.47
N GLY D 196 4.61 -3.76 42.29
CA GLY D 196 4.57 -3.55 43.73
C GLY D 196 5.70 -2.68 44.23
N THR D 197 6.89 -2.85 43.64
CA THR D 197 8.09 -2.18 44.15
C THR D 197 8.53 -0.98 43.31
N GLN D 198 8.25 -1.01 42.02
CA GLN D 198 8.65 0.07 41.12
C GLN D 198 7.50 1.06 40.97
N THR D 199 7.81 2.35 41.03
CA THR D 199 6.77 3.37 40.86
C THR D 199 6.79 3.95 39.44
N TYR D 200 5.62 4.02 38.82
CA TYR D 200 5.53 4.58 37.47
C TYR D 200 4.81 5.92 37.49
N ILE D 201 5.50 6.94 37.01
CA ILE D 201 4.95 8.29 36.97
C ILE D 201 4.88 8.77 35.54
N CYS D 202 3.74 9.32 35.14
CA CYS D 202 3.73 10.01 33.87
C CYS D 202 3.89 11.51 34.13
N ASN D 203 4.83 12.11 33.42
CA ASN D 203 5.12 13.53 33.57
C ASN D 203 4.48 14.29 32.44
N VAL D 204 3.44 15.04 32.78
CA VAL D 204 2.66 15.74 31.78
C VAL D 204 2.90 17.24 31.88
N ASN D 205 3.22 17.85 30.76
CA ASN D 205 3.46 19.28 30.71
C ASN D 205 2.62 19.89 29.59
N HIS D 206 1.73 20.79 29.94
CA HIS D 206 1.00 21.57 28.95
C HIS D 206 1.41 23.04 29.07
N LYS D 207 2.49 23.39 28.36
CA LYS D 207 3.08 24.72 28.45
C LYS D 207 2.16 25.94 28.17
N PRO D 208 1.24 25.85 27.19
CA PRO D 208 0.35 27.00 26.99
C PRO D 208 -0.45 27.41 28.23
N SER D 209 -0.81 26.44 29.06
CA SER D 209 -1.57 26.74 30.27
C SER D 209 -0.67 26.75 31.50
N ASN D 210 0.61 26.49 31.30
CA ASN D 210 1.57 26.34 32.39
C ASN D 210 1.13 25.25 33.39
N THR D 211 0.59 24.17 32.84
CA THR D 211 0.13 23.05 33.64
C THR D 211 1.19 21.95 33.62
N LYS D 212 1.70 21.63 34.80
CA LYS D 212 2.68 20.55 34.94
C LYS D 212 2.17 19.59 36.02
N VAL D 213 1.96 18.33 35.62
CA VAL D 213 1.46 17.31 36.55
C VAL D 213 2.26 16.01 36.45
N ASP D 214 2.70 15.51 37.61
CA ASP D 214 3.28 14.17 37.69
C ASP D 214 2.23 13.24 38.29
N LYS D 215 1.90 12.19 37.55
CA LYS D 215 0.84 11.28 37.97
C LYS D 215 1.36 9.86 38.15
N ARG D 216 1.22 9.34 39.36
CA ARG D 216 1.54 7.94 39.60
C ARG D 216 0.40 7.05 39.13
N VAL D 217 0.75 5.97 38.45
CA VAL D 217 -0.21 4.98 37.96
C VAL D 217 0.14 3.65 38.60
N GLU D 218 -0.79 3.10 39.37
CA GLU D 218 -0.59 1.87 40.10
C GLU D 218 -1.85 1.03 40.01
N PRO D 219 -1.76 -0.28 40.25
CA PRO D 219 -2.96 -1.13 40.19
C PRO D 219 -3.96 -0.72 41.26
N LYS D 220 -5.25 -0.75 40.88
CA LYS D 220 -6.31 -0.35 41.79
C LYS D 220 -6.94 -1.55 42.50
N GLN E 2 6.50 -10.91 -8.12
CA GLN E 2 6.82 -12.08 -8.94
C GLN E 2 5.69 -12.37 -9.92
N PHE E 3 6.05 -12.73 -11.14
CA PHE E 3 5.07 -12.93 -12.20
C PHE E 3 4.32 -14.24 -12.00
N ASP E 4 3.00 -14.19 -12.17
CA ASP E 4 2.12 -15.35 -12.01
C ASP E 4 1.58 -15.77 -13.37
N LEU E 5 1.78 -17.04 -13.71
CA LEU E 5 1.34 -17.54 -15.01
C LEU E 5 -0.17 -17.70 -15.10
N SER E 6 -0.87 -17.75 -13.97
CA SER E 6 -2.32 -17.97 -14.01
C SER E 6 -3.11 -16.71 -14.37
N THR E 7 -2.61 -15.53 -13.99
CA THR E 7 -3.34 -14.28 -14.22
C THR E 7 -2.56 -13.32 -15.11
N BWV E 8 -1.27 -13.61 -15.30
CA BWV E 8 -0.33 -12.73 -16.03
C BWV E 8 -0.15 -11.42 -15.29
O BWV E 8 0.01 -10.35 -15.91
CB BWV E 8 -0.74 -12.46 -17.47
CG BWV E 8 -0.89 -13.78 -18.22
CD BWV E 8 -1.26 -13.41 -19.65
NE BWV E 8 -1.43 -14.60 -20.50
CZ BWV E 8 -1.37 -14.54 -21.83
NH1 BWV E 8 -1.12 -13.36 -22.43
NH2 BWV E 8 -1.53 -15.63 -22.59
C01 BWV E 8 -1.92 -17.93 -23.25
C02 BWV E 8 -1.80 -16.98 -22.06
C03 BWV E 8 -2.21 -19.36 -22.78
C04 BWV E 8 -2.32 -20.27 -24.01
N ARG E 9 -0.16 -11.50 -13.96
CA ARG E 9 -0.02 -10.32 -13.12
C ARG E 9 1.03 -10.56 -12.05
N LEU E 10 1.76 -9.52 -11.71
CA LEU E 10 2.70 -9.60 -10.60
C LEU E 10 1.94 -9.75 -9.29
N LYS E 11 2.45 -10.60 -8.41
CA LYS E 11 1.82 -10.85 -7.12
C LYS E 11 2.80 -10.58 -5.98
N GLN F 2 -0.94 15.32 3.11
CA GLN F 2 -1.09 16.52 3.93
C GLN F 2 -0.29 16.41 5.22
N PHE F 3 0.49 17.45 5.53
CA PHE F 3 1.32 17.43 6.71
C PHE F 3 0.46 17.53 7.97
N ASP F 4 0.76 16.69 8.96
CA ASP F 4 0.01 16.65 10.20
C ASP F 4 0.82 17.31 11.31
N LEU F 5 0.19 18.24 12.02
CA LEU F 5 0.89 19.02 13.04
C LEU F 5 1.10 18.26 14.34
N SER F 6 0.29 17.24 14.61
CA SER F 6 0.42 16.49 15.86
C SER F 6 1.63 15.55 15.83
N THR F 7 2.00 15.05 14.66
CA THR F 7 3.06 14.04 14.57
C THR F 7 4.25 14.53 13.76
N BWV F 8 4.09 15.68 13.11
CA BWV F 8 5.07 16.19 12.13
C BWV F 8 5.32 15.15 11.04
O BWV F 8 6.44 15.02 10.51
CB BWV F 8 6.41 16.57 12.79
CG BWV F 8 6.19 17.63 13.87
CD BWV F 8 7.55 17.98 14.46
NE BWV F 8 7.41 19.01 15.50
CZ BWV F 8 8.43 19.80 15.87
NH1 BWV F 8 9.63 19.67 15.31
NH2 BWV F 8 8.24 20.72 16.83
C01 BWV F 8 7.18 21.97 18.62
C02 BWV F 8 6.96 20.93 17.52
C03 BWV F 8 5.87 22.22 19.36
C04 BWV F 8 6.13 23.25 20.46
N ARG F 9 4.27 14.41 10.69
CA ARG F 9 4.35 13.41 9.64
C ARG F 9 3.27 13.63 8.59
N LEU F 10 3.48 13.06 7.40
CA LEU F 10 2.50 13.16 6.33
C LEU F 10 1.44 12.08 6.49
N LYS F 11 0.19 12.46 6.21
CA LYS F 11 -0.91 11.49 6.23
C LYS F 11 -1.51 11.34 4.84
S SO4 G . 3.21 -5.27 -45.52
O1 SO4 G . 3.77 -4.64 -46.71
O2 SO4 G . 4.18 -6.25 -45.00
O3 SO4 G . 2.95 -4.25 -44.50
O4 SO4 G . 1.97 -5.96 -45.86
S SO4 H . -18.53 4.42 14.35
O1 SO4 H . -18.89 5.81 14.06
O2 SO4 H . -17.33 4.07 13.61
O3 SO4 H . -19.62 3.54 13.93
O4 SO4 H . -18.30 4.27 15.80
S SO4 I . 31.39 31.40 14.86
O1 SO4 I . 32.66 32.05 14.51
O2 SO4 I . 30.30 32.35 14.68
O3 SO4 I . 31.43 30.96 16.25
O4 SO4 I . 31.19 30.26 13.98
#